data_3MKN
#
_entry.id   3MKN
#
_cell.length_a   84.851
_cell.length_b   86.446
_cell.length_c   97.817
_cell.angle_alpha   90.00
_cell.angle_beta   98.86
_cell.angle_gamma   90.00
#
_symmetry.space_group_name_H-M   'P 1 21 1'
#
loop_
_entity.id
_entity.type
_entity.pdbx_description
1 polymer 'Putative uncharacterized protein YeiK'
2 non-polymer 'CALCIUM ION'
3 non-polymer (2S,3S,4R,5R)-2-(3,4-diaminophenyl)-5-(hydroxymethyl)pyrrolidine-3,4-diol
4 water water
#
_entity_poly.entity_id   1
_entity_poly.type   'polypeptide(L)'
_entity_poly.pdbx_seq_one_letter_code
;GSHMEKRKIILDCDPGHDDAIAIMMAAKHPAIDLLGITIVAGNQTLDKTLINGLNVCQKLEINVPVYAGMPQPIMRQQIV
ADNIHGDTGLDGPVFEPLTRQAESTHAVKYIIDTLMASDGDITLVPVGPLSNIAVAMRMQPAILPKIREIVLMGGAYGTG
NFTPSAEFNIFADPEAARVVFTSGVPLVMMGLDLTNQTVCTPDVIARMERAGGPAGELFSDIMNFTLKTQFENYGLAGGP
VHDATCIGYLINPDGIKTQEMYVEVDVNSGPCYGRTVCDELGVLGKPANTKVGITIDTDWFWGLVEECVRGYIKTH
;
_entity_poly.pdbx_strand_id   A,B,C,D
#
# COMPACT_ATOMS: atom_id res chain seq x y z
N LYS A 6 6.49 -31.87 -31.81
CA LYS A 6 6.02 -30.47 -31.98
C LYS A 6 5.33 -29.99 -30.72
N ARG A 7 5.75 -28.84 -30.19
CA ARG A 7 5.03 -28.19 -29.10
C ARG A 7 3.93 -27.31 -29.67
N LYS A 8 2.69 -27.66 -29.35
CA LYS A 8 1.54 -26.82 -29.66
C LYS A 8 1.56 -25.57 -28.77
N ILE A 9 1.43 -24.40 -29.40
CA ILE A 9 1.40 -23.15 -28.64
C ILE A 9 0.31 -22.20 -29.13
N ILE A 10 -0.16 -21.36 -28.21
CA ILE A 10 -0.88 -20.17 -28.59
C ILE A 10 0.05 -19.02 -28.23
N LEU A 11 0.36 -18.18 -29.22
CA LEU A 11 1.24 -17.03 -29.00
C LEU A 11 0.41 -15.78 -28.73
N ASP A 12 0.55 -15.23 -27.53
CA ASP A 12 -0.24 -14.06 -27.11
C ASP A 12 0.71 -12.88 -27.07
N CYS A 13 0.42 -11.83 -27.84
CA CYS A 13 1.43 -10.81 -28.11
C CYS A 13 0.83 -9.44 -28.43
N ASP A 14 1.68 -8.41 -28.37
CA ASP A 14 1.29 -7.01 -28.59
C ASP A 14 2.27 -6.34 -29.57
N PRO A 15 2.27 -6.78 -30.86
CA PRO A 15 3.32 -6.30 -31.77
C PRO A 15 3.37 -4.78 -32.03
N GLY A 16 4.51 -4.13 -31.82
CA GLY A 16 5.66 -4.70 -31.15
C GLY A 16 6.73 -5.25 -32.08
N HIS A 17 7.90 -4.61 -32.10
CA HIS A 17 9.02 -5.03 -32.94
C HIS A 17 9.49 -6.46 -32.64
N ASP A 18 9.73 -6.76 -31.37
CA ASP A 18 10.24 -8.08 -31.02
C ASP A 18 9.16 -9.15 -31.04
N ASP A 19 7.89 -8.77 -30.80
CA ASP A 19 6.78 -9.68 -31.03
C ASP A 19 6.78 -10.22 -32.44
N ALA A 20 7.00 -9.33 -33.41
CA ALA A 20 7.04 -9.70 -34.83
C ALA A 20 8.10 -10.77 -35.09
N ILE A 21 9.24 -10.66 -34.43
CA ILE A 21 10.33 -11.65 -34.57
C ILE A 21 9.88 -13.00 -33.98
N ALA A 22 9.18 -12.94 -32.84
CA ALA A 22 8.62 -14.14 -32.19
C ALA A 22 7.58 -14.84 -33.08
N ILE A 23 6.69 -14.06 -33.71
CA ILE A 23 5.73 -14.59 -34.69
C ILE A 23 6.45 -15.28 -35.86
N MET A 24 7.45 -14.60 -36.41
CA MET A 24 8.27 -15.15 -37.49
C MET A 24 8.87 -16.51 -37.12
N MET A 25 9.51 -16.60 -35.96
CA MET A 25 10.07 -17.87 -35.46
C MET A 25 9.04 -18.97 -35.21
N ALA A 26 7.97 -18.62 -34.48
CA ALA A 26 6.92 -19.57 -34.08
C ALA A 26 6.19 -20.21 -35.26
N ALA A 27 5.95 -19.42 -36.30
CA ALA A 27 5.11 -19.86 -37.42
C ALA A 27 5.87 -20.80 -38.38
N LYS A 28 7.18 -20.88 -38.23
CA LYS A 28 8.03 -21.55 -39.21
C LYS A 28 8.75 -22.79 -38.70
N HIS A 29 9.13 -22.80 -37.43
CA HIS A 29 10.01 -23.87 -36.95
C HIS A 29 9.28 -25.20 -36.77
N PRO A 30 9.85 -26.30 -37.31
CA PRO A 30 9.19 -27.61 -37.22
C PRO A 30 9.01 -28.15 -35.80
N ALA A 31 9.66 -27.54 -34.82
CA ALA A 31 9.49 -27.96 -33.42
C ALA A 31 8.26 -27.30 -32.78
N ILE A 32 7.64 -26.37 -33.51
CA ILE A 32 6.51 -25.59 -32.99
C ILE A 32 5.30 -25.82 -33.90
N ASP A 33 4.16 -26.08 -33.27
CA ASP A 33 2.87 -26.09 -33.93
C ASP A 33 2.10 -24.86 -33.41
N LEU A 34 2.15 -23.78 -34.18
CA LEU A 34 1.47 -22.54 -33.82
C LEU A 34 -0.01 -22.64 -34.16
N LEU A 35 -0.85 -22.81 -33.14
CA LEU A 35 -2.29 -23.03 -33.32
C LEU A 35 -3.03 -21.73 -33.67
N GLY A 36 -2.60 -20.63 -33.04
CA GLY A 36 -3.25 -19.33 -33.21
C GLY A 36 -2.45 -18.23 -32.57
N ILE A 37 -2.66 -17.01 -33.05
CA ILE A 37 -2.04 -15.81 -32.47
C ILE A 37 -3.15 -14.97 -31.82
N THR A 38 -2.99 -14.67 -30.55
CA THR A 38 -3.95 -13.79 -29.87
C THR A 38 -3.27 -12.45 -29.58
N ILE A 39 -4.01 -11.35 -29.71
CA ILE A 39 -3.45 -10.01 -29.60
C ILE A 39 -4.00 -9.30 -28.37
N VAL A 40 -3.13 -8.59 -27.66
CA VAL A 40 -3.49 -7.83 -26.49
C VAL A 40 -2.96 -6.41 -26.69
N ALA A 41 -3.60 -5.43 -26.04
CA ALA A 41 -3.06 -4.08 -25.93
C ALA A 41 -1.78 -4.13 -25.09
N GLY A 42 -0.78 -3.33 -25.43
CA GLY A 42 0.43 -3.24 -24.61
C GLY A 42 1.33 -2.15 -25.17
N ASN A 43 2.25 -2.55 -26.06
CA ASN A 43 3.20 -1.64 -26.72
C ASN A 43 2.49 -0.42 -27.29
N GLN A 44 1.34 -0.69 -27.93
CA GLN A 44 0.40 0.32 -28.36
C GLN A 44 -1.03 -0.10 -28.03
N THR A 45 -2.01 0.75 -28.32
CA THR A 45 -3.40 0.35 -28.13
C THR A 45 -3.74 -0.86 -29.03
N LEU A 46 -4.79 -1.61 -28.69
CA LEU A 46 -5.15 -2.85 -29.40
C LEU A 46 -5.43 -2.69 -30.90
N ASP A 47 -6.05 -1.58 -31.30
CA ASP A 47 -6.29 -1.29 -32.70
C ASP A 47 -4.97 -1.36 -33.48
N LYS A 48 -3.93 -0.77 -32.90
CA LYS A 48 -2.61 -0.72 -33.54
C LYS A 48 -1.85 -2.04 -33.49
N THR A 49 -1.83 -2.69 -32.33
CA THR A 49 -1.12 -3.97 -32.20
C THR A 49 -1.75 -5.05 -33.07
N LEU A 50 -3.08 -5.00 -33.22
CA LEU A 50 -3.79 -5.91 -34.11
C LEU A 50 -3.39 -5.71 -35.57
N ILE A 51 -3.44 -4.46 -36.05
CA ILE A 51 -2.96 -4.11 -37.40
C ILE A 51 -1.52 -4.54 -37.61
N ASN A 52 -0.65 -4.28 -36.63
CA ASN A 52 0.76 -4.71 -36.67
C ASN A 52 0.92 -6.23 -36.80
N GLY A 53 0.19 -6.98 -35.98
CA GLY A 53 0.19 -8.44 -36.05
C GLY A 53 -0.26 -8.95 -37.41
N LEU A 54 -1.38 -8.41 -37.89
CA LEU A 54 -1.92 -8.77 -39.20
C LEU A 54 -0.97 -8.39 -40.35
N ASN A 55 -0.32 -7.23 -40.24
CA ASN A 55 0.68 -6.79 -41.22
C ASN A 55 1.84 -7.78 -41.35
N VAL A 56 2.35 -8.23 -40.20
CA VAL A 56 3.43 -9.22 -40.13
C VAL A 56 2.96 -10.53 -40.80
N CYS A 57 1.79 -11.03 -40.42
CA CYS A 57 1.29 -12.30 -40.93
C CYS A 57 1.05 -12.25 -42.43
N GLN A 58 0.52 -11.13 -42.90
CA GLN A 58 0.32 -10.95 -44.35
C GLN A 58 1.65 -10.94 -45.11
N LYS A 59 2.63 -10.17 -44.62
CA LYS A 59 3.91 -10.05 -45.31
C LYS A 59 4.65 -11.38 -45.34
N LEU A 60 4.56 -12.15 -44.25
CA LEU A 60 5.26 -13.44 -44.17
C LEU A 60 4.42 -14.61 -44.71
N GLU A 61 3.22 -14.31 -45.20
CA GLU A 61 2.25 -15.32 -45.64
C GLU A 61 2.03 -16.40 -44.59
N ILE A 62 1.91 -15.96 -43.34
CA ILE A 62 1.56 -16.83 -42.23
C ILE A 62 0.03 -16.93 -42.20
N ASN A 63 -0.51 -18.13 -42.38
CA ASN A 63 -1.96 -18.31 -42.51
C ASN A 63 -2.71 -18.69 -41.22
N VAL A 64 -2.02 -18.57 -40.07
CA VAL A 64 -2.55 -18.88 -38.74
C VAL A 64 -3.62 -17.84 -38.38
N PRO A 65 -4.75 -18.29 -37.78
CA PRO A 65 -5.77 -17.33 -37.36
C PRO A 65 -5.27 -16.35 -36.28
N VAL A 66 -5.67 -15.10 -36.42
CA VAL A 66 -5.32 -14.04 -35.48
C VAL A 66 -6.60 -13.59 -34.76
N TYR A 67 -6.55 -13.55 -33.43
CA TYR A 67 -7.69 -13.17 -32.57
C TYR A 67 -7.38 -11.89 -31.79
N ALA A 68 -8.31 -10.93 -31.82
CA ALA A 68 -8.17 -9.71 -31.00
C ALA A 68 -8.71 -9.97 -29.59
N GLY A 69 -7.93 -9.61 -28.58
CA GLY A 69 -8.33 -9.76 -27.20
C GLY A 69 -8.55 -8.47 -26.44
N MET A 70 -7.97 -8.39 -25.25
CA MET A 70 -8.23 -7.30 -24.32
C MET A 70 -7.63 -5.97 -24.82
N PRO A 71 -8.49 -4.93 -24.93
CA PRO A 71 -7.98 -3.59 -25.32
C PRO A 71 -7.47 -2.78 -24.13
N GLN A 72 -7.73 -3.29 -22.92
CA GLN A 72 -7.37 -2.61 -21.68
C GLN A 72 -6.87 -3.66 -20.68
N PRO A 73 -6.06 -3.21 -19.69
CA PRO A 73 -5.67 -4.11 -18.61
C PRO A 73 -6.89 -4.38 -17.71
N ILE A 74 -6.78 -5.41 -16.89
CA ILE A 74 -7.91 -5.78 -16.04
C ILE A 74 -8.33 -4.78 -14.97
N MET A 75 -7.40 -3.96 -14.47
CA MET A 75 -7.74 -2.97 -13.43
C MET A 75 -7.14 -1.57 -13.61
N ARG A 76 -5.84 -1.51 -13.93
CA ARG A 76 -5.13 -0.22 -13.85
C ARG A 76 -5.48 0.70 -15.03
N GLN A 77 -5.08 1.95 -14.90
CA GLN A 77 -5.17 2.89 -15.98
C GLN A 77 -4.12 2.49 -17.04
N GLN A 78 -4.55 2.40 -18.30
CA GLN A 78 -3.71 1.90 -19.36
C GLN A 78 -2.43 2.73 -19.60
N ILE A 79 -1.32 2.03 -19.79
CA ILE A 79 -0.10 2.66 -20.25
C ILE A 79 0.30 2.05 -21.58
N VAL A 80 1.03 2.81 -22.39
CA VAL A 80 1.61 2.26 -23.64
C VAL A 80 3.12 2.47 -23.61
N ALA A 81 3.83 1.80 -24.52
CA ALA A 81 5.26 2.00 -24.66
C ALA A 81 5.53 2.76 -25.94
N ASP A 82 5.01 3.98 -26.08
CA ASP A 82 5.16 4.69 -27.38
C ASP A 82 6.55 5.30 -27.60
N ASN A 83 7.35 5.30 -26.53
CA ASN A 83 8.72 5.77 -26.52
C ASN A 83 9.63 4.97 -27.49
N ILE A 84 9.62 3.64 -27.34
CA ILE A 84 10.48 2.75 -28.13
C ILE A 84 9.87 2.40 -29.49
N HIS A 85 8.57 2.13 -29.49
CA HIS A 85 7.85 1.50 -30.62
C HIS A 85 7.23 2.47 -31.61
N GLY A 86 7.14 3.73 -31.20
CA GLY A 86 6.70 4.83 -32.06
C GLY A 86 5.20 5.06 -32.05
N ASP A 87 4.76 5.83 -33.05
CA ASP A 87 3.36 6.19 -33.27
C ASP A 87 2.49 4.97 -33.57
N THR A 88 2.93 4.13 -34.52
CA THR A 88 2.19 2.94 -34.98
C THR A 88 2.34 1.73 -34.04
N GLY A 89 3.47 1.65 -33.33
CA GLY A 89 3.80 0.48 -32.51
C GLY A 89 4.73 -0.50 -33.21
N LEU A 90 4.98 -0.25 -34.50
CA LEU A 90 5.84 -1.09 -35.35
C LEU A 90 6.43 -0.23 -36.48
N ASP A 91 6.90 0.96 -36.08
CA ASP A 91 7.55 1.89 -37.00
C ASP A 91 8.79 1.22 -37.59
N GLY A 92 9.07 1.47 -38.87
CA GLY A 92 10.17 0.82 -39.56
C GLY A 92 9.70 0.28 -40.90
N PRO A 93 9.16 -0.95 -40.91
CA PRO A 93 8.71 -1.58 -42.17
C PRO A 93 7.43 -0.98 -42.73
N VAL A 94 7.43 -0.72 -44.04
CA VAL A 94 6.24 -0.33 -44.80
C VAL A 94 5.53 -1.58 -45.35
N PHE A 95 4.23 -1.68 -45.06
CA PHE A 95 3.40 -2.82 -45.50
C PHE A 95 2.43 -2.48 -46.63
N GLU A 96 2.19 -3.46 -47.52
CA GLU A 96 1.15 -3.36 -48.54
C GLU A 96 -0.21 -3.07 -47.91
N PRO A 97 -1.20 -2.61 -48.70
CA PRO A 97 -2.53 -2.45 -48.10
C PRO A 97 -2.98 -3.76 -47.43
N LEU A 98 -3.49 -3.65 -46.20
CA LEU A 98 -3.90 -4.83 -45.42
C LEU A 98 -5.21 -5.42 -45.95
N THR A 99 -5.18 -6.69 -46.36
CA THR A 99 -6.41 -7.38 -46.81
C THR A 99 -6.85 -8.45 -45.82
N ARG A 100 -5.92 -8.91 -45.00
CA ARG A 100 -6.28 -9.93 -44.05
C ARG A 100 -6.80 -9.34 -42.75
N GLN A 101 -7.59 -10.14 -42.03
CA GLN A 101 -8.30 -9.63 -40.88
C GLN A 101 -8.33 -10.60 -39.70
N ALA A 102 -8.69 -10.07 -38.55
CA ALA A 102 -8.84 -10.87 -37.34
C ALA A 102 -10.07 -11.76 -37.47
N GLU A 103 -10.06 -12.88 -36.74
CA GLU A 103 -11.23 -13.74 -36.62
C GLU A 103 -12.29 -13.00 -35.81
N SER A 104 -13.54 -13.43 -35.93
CA SER A 104 -14.62 -12.79 -35.20
C SER A 104 -14.66 -13.19 -33.73
N THR A 105 -14.04 -14.32 -33.37
CA THR A 105 -14.02 -14.79 -31.98
C THR A 105 -13.06 -13.95 -31.15
N HIS A 106 -13.52 -13.49 -29.98
CA HIS A 106 -12.63 -12.82 -29.01
C HIS A 106 -11.50 -13.76 -28.59
N ALA A 107 -10.28 -13.23 -28.50
CA ALA A 107 -9.11 -13.99 -28.04
C ALA A 107 -9.32 -14.76 -26.74
N VAL A 108 -10.02 -14.16 -25.78
CA VAL A 108 -10.25 -14.79 -24.48
C VAL A 108 -11.09 -16.04 -24.66
N LYS A 109 -12.16 -15.95 -25.46
CA LYS A 109 -13.00 -17.12 -25.76
C LYS A 109 -12.24 -18.19 -26.55
N TYR A 110 -11.47 -17.75 -27.55
CA TYR A 110 -10.62 -18.69 -28.30
C TYR A 110 -9.66 -19.49 -27.38
N ILE A 111 -8.98 -18.79 -26.48
CA ILE A 111 -8.06 -19.42 -25.52
C ILE A 111 -8.78 -20.43 -24.63
N ILE A 112 -9.90 -20.03 -24.02
CA ILE A 112 -10.71 -20.96 -23.22
C ILE A 112 -11.19 -22.18 -24.03
N ASP A 113 -11.86 -21.93 -25.16
CA ASP A 113 -12.40 -23.03 -25.96
C ASP A 113 -11.32 -23.99 -26.44
N THR A 114 -10.18 -23.45 -26.85
CA THR A 114 -9.10 -24.28 -27.40
C THR A 114 -8.50 -25.16 -26.32
N LEU A 115 -8.27 -24.58 -25.14
CA LEU A 115 -7.75 -25.34 -24.00
C LEU A 115 -8.74 -26.38 -23.49
N MET A 116 -10.01 -26.00 -23.35
CA MET A 116 -11.03 -26.94 -22.87
C MET A 116 -11.20 -28.16 -23.78
N ALA A 117 -11.08 -27.95 -25.08
CA ALA A 117 -11.22 -29.04 -26.05
C ALA A 117 -9.95 -29.88 -26.21
N SER A 118 -8.83 -29.44 -25.65
CA SER A 118 -7.54 -30.12 -25.83
C SER A 118 -7.33 -31.31 -24.87
N ASP A 119 -6.23 -32.02 -25.07
CA ASP A 119 -5.83 -33.05 -24.12
C ASP A 119 -4.73 -32.62 -23.15
N GLY A 120 -4.59 -31.30 -22.96
CA GLY A 120 -3.63 -30.76 -21.99
C GLY A 120 -2.21 -30.57 -22.49
N ASP A 121 -2.01 -30.65 -23.79
CA ASP A 121 -0.66 -30.55 -24.40
C ASP A 121 -0.27 -29.16 -24.93
N ILE A 122 -1.16 -28.18 -24.77
CA ILE A 122 -0.93 -26.83 -25.30
C ILE A 122 -0.19 -25.95 -24.29
N THR A 123 0.80 -25.21 -24.81
CA THR A 123 1.57 -24.22 -24.04
C THR A 123 1.12 -22.80 -24.43
N LEU A 124 0.90 -21.95 -23.44
CA LEU A 124 0.67 -20.54 -23.72
C LEU A 124 2.00 -19.80 -23.74
N VAL A 125 2.16 -18.91 -24.74
CA VAL A 125 3.37 -18.08 -24.87
C VAL A 125 2.98 -16.59 -24.88
N PRO A 126 2.80 -16.01 -23.68
CA PRO A 126 2.49 -14.58 -23.59
C PRO A 126 3.73 -13.72 -23.62
N VAL A 127 3.80 -12.82 -24.60
CA VAL A 127 4.96 -11.93 -24.74
C VAL A 127 4.54 -10.46 -24.76
N GLY A 128 3.34 -10.22 -24.24
CA GLY A 128 2.81 -8.89 -23.93
C GLY A 128 2.32 -8.85 -22.49
N PRO A 129 1.58 -7.78 -22.12
CA PRO A 129 0.92 -7.78 -20.83
C PRO A 129 0.03 -9.02 -20.72
N LEU A 130 -0.25 -9.46 -19.50
CA LEU A 130 -0.89 -10.77 -19.26
C LEU A 130 -2.42 -10.74 -19.21
N SER A 131 -3.00 -9.62 -19.65
CA SER A 131 -4.44 -9.37 -19.62
C SER A 131 -5.33 -10.48 -20.19
N ASN A 132 -5.05 -10.95 -21.42
CA ASN A 132 -5.83 -12.05 -22.02
C ASN A 132 -5.76 -13.30 -21.16
N ILE A 133 -4.56 -13.59 -20.65
CA ILE A 133 -4.32 -14.83 -19.92
C ILE A 133 -5.09 -14.83 -18.60
N ALA A 134 -5.01 -13.73 -17.86
CA ALA A 134 -5.68 -13.61 -16.56
C ALA A 134 -7.19 -13.65 -16.72
N VAL A 135 -7.72 -12.98 -17.75
CA VAL A 135 -9.17 -12.96 -17.92
C VAL A 135 -9.64 -14.40 -18.23
N ALA A 136 -8.90 -15.10 -19.10
CA ALA A 136 -9.26 -16.47 -19.48
C ALA A 136 -9.26 -17.36 -18.25
N MET A 137 -8.23 -17.23 -17.42
CA MET A 137 -8.05 -18.02 -16.19
C MET A 137 -9.17 -17.84 -15.18
N ARG A 138 -9.64 -16.62 -15.02
CA ARG A 138 -10.64 -16.32 -14.00
C ARG A 138 -12.06 -16.53 -14.54
N MET A 139 -12.21 -16.42 -15.86
CA MET A 139 -13.50 -16.65 -16.51
C MET A 139 -13.80 -18.14 -16.58
N GLN A 140 -12.77 -18.95 -16.85
CA GLN A 140 -12.94 -20.42 -16.86
C GLN A 140 -11.76 -21.10 -16.18
N PRO A 141 -11.80 -21.17 -14.84
CA PRO A 141 -10.74 -21.85 -14.07
C PRO A 141 -10.45 -23.30 -14.49
N ALA A 142 -11.38 -23.95 -15.19
CA ALA A 142 -11.14 -25.33 -15.63
C ALA A 142 -10.01 -25.43 -16.68
N ILE A 143 -9.58 -24.29 -17.24
CA ILE A 143 -8.46 -24.28 -18.19
C ILE A 143 -7.11 -24.54 -17.50
N LEU A 144 -7.01 -24.26 -16.20
CA LEU A 144 -5.73 -24.36 -15.49
C LEU A 144 -5.02 -25.72 -15.67
N PRO A 145 -5.68 -26.84 -15.34
CA PRO A 145 -4.98 -28.13 -15.59
C PRO A 145 -4.78 -28.48 -17.08
N LYS A 146 -5.48 -27.79 -17.98
CA LYS A 146 -5.32 -28.01 -19.42
C LYS A 146 -4.05 -27.37 -19.98
N ILE A 147 -3.57 -26.32 -19.31
CA ILE A 147 -2.36 -25.62 -19.75
C ILE A 147 -1.12 -26.40 -19.37
N ARG A 148 -0.35 -26.86 -20.34
CA ARG A 148 0.87 -27.61 -20.08
C ARG A 148 1.93 -26.78 -19.35
N GLU A 149 2.11 -25.55 -19.81
CA GLU A 149 3.15 -24.68 -19.31
C GLU A 149 2.83 -23.30 -19.85
N ILE A 150 3.31 -22.25 -19.15
CA ILE A 150 3.27 -20.90 -19.66
C ILE A 150 4.72 -20.40 -19.78
N VAL A 151 5.15 -20.10 -21.00
CA VAL A 151 6.49 -19.53 -21.25
C VAL A 151 6.29 -18.05 -21.62
N LEU A 152 6.53 -17.16 -20.66
CA LEU A 152 6.22 -15.73 -20.84
C LEU A 152 7.48 -14.86 -20.94
N MET A 153 7.41 -13.81 -21.75
CA MET A 153 8.40 -12.76 -21.67
C MET A 153 7.81 -11.68 -20.75
N GLY A 154 8.52 -11.41 -19.65
CA GLY A 154 8.11 -10.41 -18.70
C GLY A 154 8.87 -10.52 -17.40
N GLY A 155 8.84 -9.47 -16.60
CA GLY A 155 9.48 -9.47 -15.31
C GLY A 155 10.98 -9.25 -15.34
N ALA A 156 11.57 -9.21 -14.15
CA ALA A 156 13.02 -9.03 -13.98
C ALA A 156 13.33 -9.33 -12.53
N TYR A 157 14.28 -10.21 -12.25
CA TYR A 157 14.69 -10.40 -10.87
C TYR A 157 15.57 -9.26 -10.37
N GLY A 158 16.31 -8.63 -11.29
CA GLY A 158 17.12 -7.45 -10.98
C GLY A 158 16.40 -6.14 -11.28
N THR A 159 16.96 -5.34 -12.19
CA THR A 159 16.42 -4.03 -12.53
C THR A 159 15.38 -4.14 -13.66
N GLY A 160 14.29 -3.37 -13.54
CA GLY A 160 13.27 -3.35 -14.57
C GLY A 160 13.67 -2.42 -15.69
N ASN A 161 12.74 -2.15 -16.60
CA ASN A 161 13.01 -1.16 -17.63
C ASN A 161 12.09 0.07 -17.53
N PHE A 162 10.78 -0.16 -17.48
CA PHE A 162 9.83 0.93 -17.40
C PHE A 162 9.96 1.72 -16.08
N THR A 163 10.20 1.00 -14.98
CA THR A 163 10.62 1.63 -13.73
C THR A 163 11.86 0.87 -13.25
N PRO A 164 12.56 1.36 -12.20
CA PRO A 164 13.69 0.55 -11.65
C PRO A 164 13.25 -0.82 -11.17
N SER A 165 11.98 -0.92 -10.75
CA SER A 165 11.45 -2.15 -10.18
C SER A 165 10.76 -3.09 -11.15
N ALA A 166 10.19 -2.52 -12.22
CA ALA A 166 9.24 -3.27 -13.07
C ALA A 166 9.60 -3.32 -14.56
N GLU A 167 9.37 -4.49 -15.14
CA GLU A 167 9.49 -4.69 -16.58
C GLU A 167 8.12 -4.31 -17.22
N PHE A 168 8.14 -3.77 -18.45
CA PHE A 168 6.90 -3.26 -19.08
C PHE A 168 5.66 -4.20 -19.06
N ASN A 169 5.81 -5.41 -19.59
CA ASN A 169 4.68 -6.35 -19.65
C ASN A 169 3.95 -6.53 -18.32
N ILE A 170 4.71 -6.68 -17.23
CA ILE A 170 4.10 -6.81 -15.92
C ILE A 170 3.56 -5.47 -15.46
N PHE A 171 4.36 -4.41 -15.59
CA PHE A 171 3.91 -3.08 -15.21
C PHE A 171 2.60 -2.66 -15.89
N ALA A 172 2.43 -3.04 -17.16
CA ALA A 172 1.23 -2.68 -17.93
C ALA A 172 -0.07 -3.34 -17.41
N ASP A 173 0.07 -4.46 -16.69
CA ASP A 173 -1.09 -5.10 -16.05
C ASP A 173 -0.63 -5.92 -14.84
N PRO A 174 -0.29 -5.26 -13.72
CA PRO A 174 0.24 -6.02 -12.56
C PRO A 174 -0.77 -6.99 -11.95
N GLU A 175 -2.02 -6.57 -11.92
CA GLU A 175 -3.09 -7.44 -11.38
C GLU A 175 -3.27 -8.69 -12.25
N ALA A 176 -3.21 -8.55 -13.57
CA ALA A 176 -3.22 -9.74 -14.44
C ALA A 176 -2.03 -10.65 -14.16
N ALA A 177 -0.85 -10.04 -14.00
CA ALA A 177 0.36 -10.82 -13.69
C ALA A 177 0.23 -11.57 -12.35
N ARG A 178 -0.34 -10.92 -11.33
CA ARG A 178 -0.65 -11.58 -10.04
C ARG A 178 -1.52 -12.85 -10.26
N VAL A 179 -2.55 -12.74 -11.09
CA VAL A 179 -3.37 -13.92 -11.41
C VAL A 179 -2.50 -15.04 -12.01
N VAL A 180 -1.69 -14.72 -13.01
CA VAL A 180 -0.88 -15.74 -13.68
C VAL A 180 0.12 -16.37 -12.69
N PHE A 181 0.73 -15.53 -11.87
CA PHE A 181 1.80 -16.03 -10.97
C PHE A 181 1.27 -16.75 -9.73
N THR A 182 -0.06 -16.67 -9.51
CA THR A 182 -0.75 -17.44 -8.47
C THR A 182 -1.62 -18.58 -9.03
N SER A 183 -1.51 -18.88 -10.32
CA SER A 183 -2.37 -19.86 -10.97
C SER A 183 -2.03 -21.32 -10.61
N GLY A 184 -0.78 -21.59 -10.27
CA GLY A 184 -0.32 -22.94 -10.02
C GLY A 184 0.03 -23.69 -11.30
N VAL A 185 -0.05 -23.01 -12.45
CA VAL A 185 0.36 -23.59 -13.73
C VAL A 185 1.89 -23.48 -13.82
N PRO A 186 2.59 -24.51 -14.37
CA PRO A 186 4.05 -24.38 -14.54
C PRO A 186 4.39 -23.15 -15.37
N LEU A 187 5.30 -22.32 -14.84
CA LEU A 187 5.67 -21.06 -15.47
C LEU A 187 7.15 -21.04 -15.84
N VAL A 188 7.44 -20.50 -17.01
CA VAL A 188 8.80 -20.16 -17.40
C VAL A 188 8.84 -18.65 -17.65
N MET A 189 9.78 -17.97 -17.02
CA MET A 189 9.84 -16.50 -17.12
C MET A 189 11.12 -16.06 -17.77
N MET A 190 11.00 -15.57 -19.00
CA MET A 190 12.12 -14.90 -19.68
C MET A 190 12.08 -13.42 -19.30
N GLY A 191 12.72 -13.09 -18.17
CA GLY A 191 12.75 -11.70 -17.69
C GLY A 191 13.89 -10.93 -18.32
N LEU A 192 14.01 -9.65 -17.96
CA LEU A 192 14.99 -8.75 -18.58
C LEU A 192 16.44 -9.20 -18.34
N ASP A 193 16.66 -9.82 -17.18
CA ASP A 193 17.98 -10.32 -16.81
C ASP A 193 18.51 -11.26 -17.89
N LEU A 194 17.62 -12.09 -18.42
CA LEU A 194 17.97 -12.98 -19.56
C LEU A 194 17.94 -12.25 -20.91
N THR A 195 16.82 -11.57 -21.18
CA THR A 195 16.56 -11.03 -22.53
C THR A 195 17.49 -9.89 -22.89
N ASN A 196 17.92 -9.10 -21.89
CA ASN A 196 18.90 -8.05 -22.15
C ASN A 196 20.23 -8.59 -22.69
N GLN A 197 20.47 -9.89 -22.53
CA GLN A 197 21.68 -10.54 -23.08
C GLN A 197 21.58 -10.73 -24.60
N THR A 198 20.40 -10.46 -25.17
CA THR A 198 20.12 -10.68 -26.62
C THR A 198 20.03 -9.39 -27.47
N VAL A 199 20.95 -8.45 -27.28
CA VAL A 199 20.99 -7.21 -28.08
C VAL A 199 21.21 -7.46 -29.58
N CYS A 200 20.44 -6.72 -30.38
CA CYS A 200 20.53 -6.73 -31.83
C CYS A 200 21.34 -5.52 -32.31
N THR A 201 22.62 -5.75 -32.55
CA THR A 201 23.56 -4.72 -32.98
C THR A 201 23.54 -4.52 -34.53
N PRO A 202 24.33 -3.54 -35.05
CA PRO A 202 24.50 -3.40 -36.51
C PRO A 202 24.95 -4.66 -37.25
N ASP A 203 25.76 -5.51 -36.62
CA ASP A 203 26.24 -6.74 -37.28
C ASP A 203 25.18 -7.84 -37.33
N VAL A 204 24.24 -7.80 -36.38
CA VAL A 204 23.13 -8.76 -36.38
C VAL A 204 22.14 -8.48 -37.52
N ILE A 205 21.80 -7.20 -37.71
CA ILE A 205 20.92 -6.76 -38.81
C ILE A 205 21.54 -7.04 -40.17
N ALA A 206 22.84 -6.75 -40.34
CA ALA A 206 23.54 -7.04 -41.59
C ALA A 206 23.46 -8.53 -41.94
N ARG A 207 23.65 -9.40 -40.86
CA ARG A 207 23.64 -10.85 -41.04
C ARG A 207 22.28 -11.35 -41.52
N MET A 208 21.21 -10.90 -40.87
CA MET A 208 19.86 -11.39 -41.18
C MET A 208 19.46 -11.00 -42.61
N GLU A 209 19.76 -9.70 -42.99
CA GLU A 209 19.31 -9.17 -44.27
C GLU A 209 20.13 -9.73 -45.41
N ARG A 210 21.31 -10.27 -45.09
CA ARG A 210 22.09 -11.05 -46.05
C ARG A 210 21.28 -12.31 -46.40
N ALA A 211 20.77 -12.96 -45.30
CA ALA A 211 19.91 -14.15 -45.51
C ALA A 211 18.68 -13.79 -46.40
N GLY A 212 18.25 -12.35 -46.11
CA GLY A 212 17.30 -11.72 -47.05
C GLY A 212 15.95 -12.47 -47.25
N GLY A 213 15.24 -12.15 -48.37
CA GLY A 213 13.82 -12.55 -48.56
C GLY A 213 12.90 -11.74 -47.64
N PRO A 214 11.59 -12.08 -47.65
CA PRO A 214 10.55 -11.43 -46.83
C PRO A 214 10.84 -11.26 -45.33
N ALA A 215 11.38 -12.31 -44.67
CA ALA A 215 11.64 -12.24 -43.22
C ALA A 215 12.94 -11.47 -42.95
N GLY A 216 13.92 -11.64 -43.84
CA GLY A 216 15.19 -10.91 -43.78
C GLY A 216 14.98 -9.40 -43.84
N GLU A 217 14.14 -9.00 -44.93
CA GLU A 217 13.89 -7.56 -45.10
C GLU A 217 13.07 -6.99 -43.94
N LEU A 218 12.19 -7.82 -43.37
CA LEU A 218 11.34 -7.43 -42.24
C LEU A 218 12.15 -7.27 -40.95
N PHE A 219 13.04 -8.23 -40.67
CA PHE A 219 13.95 -8.14 -39.52
C PHE A 219 14.73 -6.83 -39.53
N SER A 220 15.31 -6.53 -40.69
CA SER A 220 16.14 -5.36 -40.91
C SER A 220 15.37 -4.04 -40.79
N ASP A 221 14.25 -3.92 -41.50
CA ASP A 221 13.41 -2.72 -41.41
C ASP A 221 12.94 -2.46 -39.97
N ILE A 222 12.59 -3.54 -39.27
CA ILE A 222 12.11 -3.49 -37.87
C ILE A 222 13.24 -3.12 -36.91
N MET A 223 14.32 -3.88 -36.94
CA MET A 223 15.39 -3.71 -35.98
C MET A 223 16.26 -2.46 -36.20
N ASN A 224 16.17 -1.85 -37.39
CA ASN A 224 16.83 -0.56 -37.66
C ASN A 224 16.15 0.64 -37.00
N PHE A 225 14.83 0.54 -36.77
CA PHE A 225 14.10 1.62 -36.10
C PHE A 225 14.42 1.67 -34.61
N THR A 226 14.49 0.49 -33.97
CA THR A 226 14.79 0.41 -32.53
C THR A 226 16.26 0.72 -32.24
N LEU A 227 17.12 0.55 -33.25
CA LEU A 227 18.50 1.03 -33.18
C LEU A 227 18.61 2.54 -33.41
N LYS A 228 17.69 3.10 -34.20
CA LYS A 228 17.60 4.56 -34.39
C LYS A 228 17.05 5.27 -33.14
N THR A 229 16.21 4.57 -32.35
CA THR A 229 15.83 5.06 -31.02
C THR A 229 16.84 4.64 -29.94
N GLN A 230 17.75 3.73 -30.31
CA GLN A 230 18.92 3.41 -29.48
C GLN A 230 20.14 4.25 -29.90
N PHE A 231 19.87 5.53 -30.21
CA PHE A 231 20.90 6.55 -30.22
C PHE A 231 21.19 6.91 -28.76
N GLU A 232 20.21 6.59 -27.88
CA GLU A 232 20.32 6.76 -26.43
C GLU A 232 21.37 5.84 -25.80
N PRO A 240 18.37 -5.50 -27.53
CA PRO A 240 17.81 -6.82 -27.18
C PRO A 240 16.62 -7.24 -28.04
N VAL A 241 16.55 -8.53 -28.37
CA VAL A 241 15.29 -9.10 -28.86
C VAL A 241 14.77 -9.90 -27.65
N HIS A 242 13.58 -9.55 -27.17
CA HIS A 242 13.09 -10.15 -25.93
C HIS A 242 12.16 -11.31 -26.18
N ASP A 243 11.10 -11.06 -26.93
CA ASP A 243 9.99 -12.00 -27.06
C ASP A 243 10.39 -13.31 -27.72
N ALA A 244 11.30 -13.21 -28.69
CA ALA A 244 11.74 -14.38 -29.43
C ALA A 244 12.45 -15.42 -28.55
N THR A 245 12.91 -15.03 -27.35
CA THR A 245 13.59 -15.98 -26.46
C THR A 245 12.66 -17.08 -25.95
N CYS A 246 11.37 -16.76 -25.87
CA CYS A 246 10.35 -17.74 -25.46
C CYS A 246 10.21 -18.84 -26.51
N ILE A 247 10.23 -18.46 -27.79
CA ILE A 247 10.20 -19.44 -28.87
C ILE A 247 11.49 -20.26 -28.92
N GLY A 248 12.63 -19.59 -28.75
CA GLY A 248 13.93 -20.28 -28.60
C GLY A 248 13.90 -21.34 -27.52
N TYR A 249 13.35 -20.98 -26.37
CA TYR A 249 13.22 -21.88 -25.21
C TYR A 249 12.42 -23.15 -25.55
N LEU A 250 11.34 -22.98 -26.32
CA LEU A 250 10.48 -24.11 -26.65
C LEU A 250 11.11 -25.02 -27.71
N ILE A 251 11.93 -24.43 -28.57
CA ILE A 251 12.65 -25.19 -29.58
C ILE A 251 13.75 -26.05 -28.93
N ASN A 252 14.52 -25.43 -28.03
CA ASN A 252 15.57 -26.15 -27.29
C ASN A 252 15.86 -25.49 -25.95
N PRO A 253 15.28 -26.01 -24.87
CA PRO A 253 15.43 -25.42 -23.54
C PRO A 253 16.88 -25.44 -23.05
N ASP A 254 17.71 -26.32 -23.62
CA ASP A 254 19.12 -26.42 -23.27
C ASP A 254 19.93 -25.18 -23.63
N GLY A 255 19.42 -24.36 -24.55
CA GLY A 255 20.07 -23.11 -24.93
C GLY A 255 19.95 -22.01 -23.88
N ILE A 256 19.06 -22.23 -22.92
CA ILE A 256 18.74 -21.25 -21.88
C ILE A 256 18.84 -21.90 -20.50
N LYS A 257 19.69 -21.36 -19.65
CA LYS A 257 19.75 -21.79 -18.26
C LYS A 257 18.68 -21.05 -17.42
N THR A 258 17.87 -21.83 -16.72
CA THR A 258 16.86 -21.29 -15.81
C THR A 258 17.19 -21.69 -14.38
N GLN A 259 16.55 -21.02 -13.43
CA GLN A 259 16.64 -21.39 -12.02
C GLN A 259 15.24 -21.34 -11.44
N GLU A 260 14.87 -22.38 -10.70
CA GLU A 260 13.54 -22.46 -10.09
C GLU A 260 13.48 -21.51 -8.89
N MET A 261 12.43 -20.68 -8.84
CA MET A 261 12.30 -19.69 -7.79
C MET A 261 10.84 -19.50 -7.44
N TYR A 262 10.58 -19.15 -6.18
CA TYR A 262 9.27 -18.64 -5.81
C TYR A 262 9.21 -17.16 -6.21
N VAL A 263 8.29 -16.85 -7.12
CA VAL A 263 8.11 -15.48 -7.64
C VAL A 263 6.76 -14.97 -7.19
N GLU A 264 6.76 -13.75 -6.67
CA GLU A 264 5.53 -13.06 -6.27
C GLU A 264 5.45 -11.71 -7.01
N VAL A 265 4.26 -11.39 -7.53
CA VAL A 265 4.05 -10.09 -8.16
C VAL A 265 3.60 -9.05 -7.13
N ASP A 266 4.29 -7.91 -7.06
CA ASP A 266 3.89 -6.84 -6.14
C ASP A 266 2.84 -5.96 -6.82
N VAL A 267 1.63 -5.93 -6.28
CA VAL A 267 0.59 -5.04 -6.82
C VAL A 267 0.36 -3.82 -5.90
N ASN A 268 1.26 -3.59 -4.92
CA ASN A 268 1.20 -2.33 -4.15
C ASN A 268 1.50 -1.13 -5.06
N SER A 269 0.62 -0.14 -5.05
CA SER A 269 0.92 1.20 -5.58
C SER A 269 2.16 1.74 -4.84
N GLY A 270 3.08 2.34 -5.59
CA GLY A 270 4.34 2.78 -4.99
C GLY A 270 5.52 2.39 -5.86
N PRO A 271 6.74 2.45 -5.30
CA PRO A 271 7.97 2.28 -6.07
C PRO A 271 8.26 0.86 -6.62
N CYS A 272 7.51 -0.17 -6.19
CA CYS A 272 7.68 -1.52 -6.70
C CYS A 272 6.41 -2.11 -7.35
N TYR A 273 5.48 -1.24 -7.74
CA TYR A 273 4.27 -1.67 -8.47
C TYR A 273 4.68 -2.41 -9.74
N GLY A 274 4.17 -3.63 -9.90
CA GLY A 274 4.49 -4.48 -11.06
C GLY A 274 5.84 -5.19 -10.99
N ARG A 275 6.48 -5.17 -9.82
CA ARG A 275 7.74 -5.92 -9.64
C ARG A 275 7.47 -7.42 -9.50
N THR A 276 8.28 -8.23 -10.20
CA THR A 276 8.36 -9.64 -9.95
C THR A 276 9.43 -9.85 -8.89
N VAL A 277 8.97 -10.20 -7.70
CA VAL A 277 9.87 -10.41 -6.57
C VAL A 277 10.28 -11.86 -6.61
N CYS A 278 11.54 -12.09 -6.99
CA CYS A 278 12.06 -13.44 -7.23
C CYS A 278 12.97 -13.92 -6.09
N ASP A 279 12.55 -15.00 -5.44
CA ASP A 279 13.29 -15.50 -4.27
C ASP A 279 14.45 -16.37 -4.75
N GLU A 280 15.50 -15.67 -5.18
CA GLU A 280 16.69 -16.24 -5.79
C GLU A 280 17.39 -17.20 -4.83
N LEU A 281 17.43 -16.85 -3.54
CA LEU A 281 18.17 -17.64 -2.54
C LEU A 281 17.28 -18.58 -1.72
N GLY A 282 15.98 -18.56 -1.98
CA GLY A 282 15.03 -19.43 -1.31
C GLY A 282 14.79 -19.08 0.16
N VAL A 283 14.97 -17.80 0.52
CA VAL A 283 14.90 -17.37 1.94
C VAL A 283 13.50 -17.41 2.52
N LEU A 284 12.48 -17.37 1.67
CA LEU A 284 11.11 -17.40 2.17
C LEU A 284 10.64 -18.81 2.48
N GLY A 285 11.38 -19.83 2.04
CA GLY A 285 11.03 -21.25 2.27
C GLY A 285 9.70 -21.67 1.63
N LYS A 286 9.36 -21.06 0.51
CA LYS A 286 8.16 -21.40 -0.23
C LYS A 286 8.52 -22.13 -1.51
N PRO A 287 7.68 -23.11 -1.94
CA PRO A 287 8.00 -23.89 -3.13
C PRO A 287 8.13 -23.00 -4.36
N ALA A 288 9.13 -23.28 -5.20
CA ALA A 288 9.32 -22.57 -6.47
C ALA A 288 8.05 -22.67 -7.29
N ASN A 289 7.73 -21.62 -8.04
CA ASN A 289 6.57 -21.64 -8.93
C ASN A 289 6.93 -21.28 -10.37
N THR A 290 8.20 -20.96 -10.60
CA THR A 290 8.65 -20.40 -11.86
C THR A 290 10.05 -20.88 -12.17
N LYS A 291 10.31 -21.24 -13.43
CA LYS A 291 11.69 -21.40 -13.91
C LYS A 291 12.13 -20.05 -14.48
N VAL A 292 13.05 -19.39 -13.79
CA VAL A 292 13.44 -18.01 -14.15
C VAL A 292 14.68 -18.06 -15.05
N GLY A 293 14.61 -17.36 -16.19
CA GLY A 293 15.75 -17.30 -17.11
C GLY A 293 16.95 -16.62 -16.50
N ILE A 294 18.10 -17.27 -16.59
CA ILE A 294 19.35 -16.72 -16.05
C ILE A 294 20.31 -16.31 -17.18
N THR A 295 20.66 -17.25 -18.04
CA THR A 295 21.60 -16.98 -19.12
C THR A 295 21.15 -17.66 -20.40
N ILE A 296 21.54 -17.09 -21.53
CA ILE A 296 21.24 -17.63 -22.85
C ILE A 296 22.52 -17.76 -23.68
N ASP A 297 22.65 -18.90 -24.38
CA ASP A 297 23.72 -19.11 -25.34
C ASP A 297 23.33 -18.32 -26.60
N THR A 298 23.96 -17.17 -26.82
CA THR A 298 23.56 -16.32 -27.95
C THR A 298 24.00 -16.84 -29.31
N ASP A 299 25.07 -17.65 -29.37
CA ASP A 299 25.45 -18.32 -30.61
C ASP A 299 24.35 -19.29 -31.04
N TRP A 300 23.92 -20.13 -30.09
CA TRP A 300 22.76 -21.00 -30.30
C TRP A 300 21.53 -20.20 -30.74
N PHE A 301 21.24 -19.11 -30.06
CA PHE A 301 20.02 -18.34 -30.32
C PHE A 301 19.98 -17.73 -31.73
N TRP A 302 21.07 -17.07 -32.13
CA TRP A 302 21.14 -16.48 -33.48
C TRP A 302 21.10 -17.51 -34.59
N GLY A 303 21.77 -18.66 -34.39
CA GLY A 303 21.68 -19.82 -35.27
C GLY A 303 20.23 -20.23 -35.52
N LEU A 304 19.44 -20.29 -34.45
CA LEU A 304 18.02 -20.60 -34.51
C LEU A 304 17.21 -19.54 -35.26
N VAL A 305 17.46 -18.27 -34.93
CA VAL A 305 16.83 -17.15 -35.65
C VAL A 305 17.06 -17.26 -37.16
N GLU A 306 18.29 -17.58 -37.58
CA GLU A 306 18.63 -17.75 -39.01
C GLU A 306 17.94 -18.95 -39.65
N GLU A 307 17.94 -20.08 -38.95
CA GLU A 307 17.19 -21.29 -39.31
C GLU A 307 15.72 -20.94 -39.64
N CYS A 308 15.13 -20.11 -38.78
CA CYS A 308 13.75 -19.65 -38.96
C CYS A 308 13.57 -18.69 -40.15
N VAL A 309 14.46 -17.68 -40.27
CA VAL A 309 14.40 -16.65 -41.33
C VAL A 309 14.60 -17.26 -42.74
N ARG A 310 15.58 -18.15 -42.84
CA ARG A 310 15.84 -18.89 -44.09
C ARG A 310 14.58 -19.60 -44.58
N GLY A 311 13.76 -20.03 -43.63
CA GLY A 311 12.53 -20.77 -43.91
C GLY A 311 11.51 -19.96 -44.71
N TYR A 312 11.76 -18.64 -44.89
CA TYR A 312 10.82 -17.74 -45.59
C TYR A 312 11.26 -17.33 -47.01
N ILE A 313 12.57 -17.44 -47.33
CA ILE A 313 13.07 -17.03 -48.66
C ILE A 313 12.20 -17.71 -49.75
N LYS A 314 11.95 -16.83 -50.85
CA LYS A 314 11.07 -17.28 -51.94
C LYS A 314 11.82 -18.03 -53.06
N THR A 315 11.07 -18.87 -53.79
CA THR A 315 11.55 -19.69 -54.93
C THR A 315 11.99 -18.83 -56.12
N LYS B 6 -40.70 2.74 -18.68
CA LYS B 6 -40.08 1.49 -18.12
C LYS B 6 -38.58 1.67 -18.23
N ARG B 7 -37.86 1.45 -17.13
CA ARG B 7 -36.41 1.42 -17.15
C ARG B 7 -35.95 0.01 -17.49
N LYS B 8 -35.28 -0.13 -18.64
CA LYS B 8 -34.61 -1.39 -18.99
C LYS B 8 -33.40 -1.62 -18.10
N ILE B 9 -33.31 -2.83 -17.51
CA ILE B 9 -32.18 -3.18 -16.69
C ILE B 9 -31.65 -4.60 -16.99
N ILE B 10 -30.38 -4.79 -16.67
CA ILE B 10 -29.82 -6.12 -16.49
C ILE B 10 -29.46 -6.22 -15.02
N LEU B 11 -29.99 -7.24 -14.36
CA LEU B 11 -29.79 -7.43 -12.91
C LEU B 11 -28.67 -8.46 -12.74
N ASP B 12 -27.55 -8.01 -12.16
CA ASP B 12 -26.37 -8.84 -11.96
C ASP B 12 -26.30 -9.19 -10.47
N CYS B 13 -26.29 -10.48 -10.15
CA CYS B 13 -26.55 -10.88 -8.77
C CYS B 13 -25.89 -12.20 -8.37
N ASP B 14 -25.80 -12.42 -7.06
CA ASP B 14 -25.20 -13.65 -6.50
C ASP B 14 -26.14 -14.28 -5.46
N PRO B 15 -27.32 -14.80 -5.89
CA PRO B 15 -28.33 -15.20 -4.91
C PRO B 15 -27.89 -16.32 -3.93
N GLY B 16 -27.99 -16.12 -2.61
CA GLY B 16 -28.31 -14.85 -1.98
C GLY B 16 -29.78 -14.64 -1.69
N HIS B 17 -30.09 -14.57 -0.41
CA HIS B 17 -31.47 -14.28 0.11
C HIS B 17 -31.99 -12.95 -0.37
N ASP B 18 -31.23 -11.86 -0.20
CA ASP B 18 -31.80 -10.58 -0.64
C ASP B 18 -31.75 -10.39 -2.12
N ASP B 19 -30.83 -11.06 -2.83
CA ASP B 19 -30.85 -11.04 -4.28
C ASP B 19 -32.18 -11.55 -4.81
N ALA B 20 -32.69 -12.59 -4.16
CA ALA B 20 -33.96 -13.23 -4.54
C ALA B 20 -35.10 -12.22 -4.46
N ILE B 21 -35.07 -11.40 -3.41
CA ILE B 21 -36.08 -10.35 -3.24
C ILE B 21 -35.94 -9.31 -4.34
N ALA B 22 -34.70 -8.96 -4.69
CA ALA B 22 -34.46 -8.01 -5.80
C ALA B 22 -34.94 -8.58 -7.16
N ILE B 23 -34.72 -9.87 -7.39
CA ILE B 23 -35.26 -10.56 -8.58
C ILE B 23 -36.80 -10.46 -8.62
N MET B 24 -37.39 -10.79 -7.48
CA MET B 24 -38.86 -10.77 -7.35
C MET B 24 -39.40 -9.40 -7.75
N MET B 25 -38.84 -8.35 -7.16
CA MET B 25 -39.26 -6.98 -7.49
C MET B 25 -39.03 -6.54 -8.94
N ALA B 26 -37.84 -6.84 -9.46
CA ALA B 26 -37.43 -6.44 -10.82
C ALA B 26 -38.27 -7.08 -11.91
N ALA B 27 -38.67 -8.33 -11.69
CA ALA B 27 -39.30 -9.14 -12.76
C ALA B 27 -40.79 -8.84 -12.95
N LYS B 28 -41.38 -8.17 -11.97
CA LYS B 28 -42.80 -7.90 -11.92
C LYS B 28 -43.26 -6.45 -12.11
N HIS B 29 -42.45 -5.47 -11.76
CA HIS B 29 -43.00 -4.14 -11.61
C HIS B 29 -43.10 -3.47 -12.97
N PRO B 30 -44.24 -2.83 -13.25
CA PRO B 30 -44.42 -2.23 -14.55
C PRO B 30 -43.45 -1.08 -14.87
N ALA B 31 -42.74 -0.54 -13.88
CA ALA B 31 -41.73 0.51 -14.09
C ALA B 31 -40.38 -0.05 -14.51
N ILE B 32 -40.25 -1.37 -14.49
CA ILE B 32 -38.98 -2.03 -14.82
C ILE B 32 -39.16 -2.95 -16.03
N ASP B 33 -38.21 -2.95 -16.95
CA ASP B 33 -38.16 -3.93 -18.02
C ASP B 33 -36.92 -4.76 -17.76
N LEU B 34 -37.11 -5.92 -17.13
CA LEU B 34 -35.99 -6.78 -16.81
C LEU B 34 -35.58 -7.57 -18.06
N LEU B 35 -34.45 -7.21 -18.67
CA LEU B 35 -33.97 -7.83 -19.92
C LEU B 35 -33.36 -9.20 -19.70
N GLY B 36 -32.62 -9.36 -18.60
CA GLY B 36 -31.90 -10.59 -18.36
C GLY B 36 -31.34 -10.55 -16.97
N ILE B 37 -31.05 -11.72 -16.43
CA ILE B 37 -30.40 -11.87 -15.10
C ILE B 37 -29.03 -12.47 -15.33
N THR B 38 -27.98 -11.81 -14.85
CA THR B 38 -26.64 -12.37 -14.95
C THR B 38 -26.17 -12.75 -13.55
N ILE B 39 -25.48 -13.87 -13.43
CA ILE B 39 -25.09 -14.41 -12.13
C ILE B 39 -23.59 -14.34 -11.97
N VAL B 40 -23.16 -14.00 -10.76
CA VAL B 40 -21.74 -13.91 -10.43
C VAL B 40 -21.51 -14.72 -9.15
N ALA B 41 -20.31 -15.27 -8.97
CA ALA B 41 -19.92 -15.84 -7.67
C ALA B 41 -19.89 -14.71 -6.62
N GLY B 42 -20.28 -15.00 -5.39
CA GLY B 42 -20.22 -14.01 -4.30
C GLY B 42 -20.56 -14.68 -2.99
N ASN B 43 -21.83 -14.50 -2.56
CA ASN B 43 -22.39 -15.13 -1.36
C ASN B 43 -21.96 -16.59 -1.24
N GLN B 44 -22.00 -17.29 -2.37
CA GLN B 44 -21.51 -18.66 -2.48
C GLN B 44 -20.77 -18.79 -3.81
N THR B 45 -20.19 -19.96 -4.07
CA THR B 45 -19.58 -20.17 -5.37
C THR B 45 -20.62 -20.15 -6.51
N LEU B 46 -20.17 -19.97 -7.76
CA LEU B 46 -21.08 -19.71 -8.89
C LEU B 46 -22.04 -20.87 -9.17
N ASP B 47 -21.55 -22.10 -9.05
CA ASP B 47 -22.44 -23.27 -9.20
C ASP B 47 -23.70 -23.15 -8.29
N LYS B 48 -23.49 -22.75 -7.04
CA LYS B 48 -24.58 -22.58 -6.10
C LYS B 48 -25.41 -21.34 -6.33
N THR B 49 -24.79 -20.19 -6.59
CA THR B 49 -25.59 -18.96 -6.81
C THR B 49 -26.44 -19.09 -8.08
N LEU B 50 -25.91 -19.79 -9.08
CA LEU B 50 -26.66 -20.04 -10.32
C LEU B 50 -27.91 -20.89 -10.03
N ILE B 51 -27.73 -22.00 -9.31
CA ILE B 51 -28.84 -22.87 -8.90
C ILE B 51 -29.88 -22.09 -8.08
N ASN B 52 -29.41 -21.27 -7.16
CA ASN B 52 -30.28 -20.42 -6.35
C ASN B 52 -31.10 -19.46 -7.21
N GLY B 53 -30.43 -18.76 -8.13
CA GLY B 53 -31.10 -17.85 -9.06
C GLY B 53 -32.15 -18.58 -9.87
N LEU B 54 -31.77 -19.73 -10.42
CA LEU B 54 -32.68 -20.53 -11.24
C LEU B 54 -33.88 -21.06 -10.45
N ASN B 55 -33.63 -21.48 -9.19
CA ASN B 55 -34.71 -21.90 -8.30
C ASN B 55 -35.73 -20.81 -8.05
N VAL B 56 -35.24 -19.61 -7.78
CA VAL B 56 -36.09 -18.45 -7.56
C VAL B 56 -36.97 -18.15 -8.80
N CYS B 57 -36.35 -18.12 -9.97
CA CYS B 57 -37.07 -17.85 -11.23
C CYS B 57 -38.09 -18.91 -11.52
N GLN B 58 -37.71 -20.17 -11.32
CA GLN B 58 -38.66 -21.28 -11.55
C GLN B 58 -39.85 -21.18 -10.60
N LYS B 59 -39.58 -20.95 -9.31
CA LYS B 59 -40.67 -20.87 -8.35
C LYS B 59 -41.62 -19.69 -8.61
N LEU B 60 -41.07 -18.56 -9.01
CA LEU B 60 -41.87 -17.39 -9.35
C LEU B 60 -42.38 -17.33 -10.78
N GLU B 61 -42.10 -18.37 -11.58
CA GLU B 61 -42.41 -18.40 -13.02
C GLU B 61 -41.93 -17.14 -13.74
N ILE B 62 -40.71 -16.74 -13.42
CA ILE B 62 -40.04 -15.65 -14.11
C ILE B 62 -39.29 -16.27 -15.28
N ASN B 63 -39.62 -15.84 -16.48
CA ASN B 63 -39.09 -16.50 -17.68
C ASN B 63 -37.92 -15.77 -18.35
N VAL B 64 -37.41 -14.76 -17.67
CA VAL B 64 -36.31 -13.96 -18.17
C VAL B 64 -35.04 -14.87 -18.35
N PRO B 65 -34.28 -14.70 -19.43
CA PRO B 65 -33.07 -15.54 -19.53
C PRO B 65 -32.03 -15.26 -18.42
N VAL B 66 -31.39 -16.33 -17.95
CA VAL B 66 -30.39 -16.30 -16.88
C VAL B 66 -29.05 -16.68 -17.48
N TYR B 67 -28.03 -15.85 -17.22
CA TYR B 67 -26.68 -16.10 -17.75
C TYR B 67 -25.69 -16.29 -16.60
N ALA B 68 -24.92 -17.37 -16.63
CA ALA B 68 -23.83 -17.58 -15.67
C ALA B 68 -22.58 -16.78 -16.10
N GLY B 69 -22.00 -16.04 -15.17
CA GLY B 69 -20.82 -15.23 -15.46
C GLY B 69 -19.58 -15.69 -14.73
N MET B 70 -18.91 -14.74 -14.05
CA MET B 70 -17.59 -15.00 -13.45
C MET B 70 -17.71 -15.92 -12.23
N PRO B 71 -16.98 -17.05 -12.23
CA PRO B 71 -16.91 -17.93 -11.04
C PRO B 71 -15.87 -17.49 -10.00
N GLN B 72 -15.04 -16.50 -10.37
CA GLN B 72 -13.97 -16.01 -9.52
C GLN B 72 -13.87 -14.48 -9.67
N PRO B 73 -13.30 -13.80 -8.66
CA PRO B 73 -13.00 -12.37 -8.81
C PRO B 73 -11.86 -12.15 -9.81
N ILE B 74 -11.65 -10.91 -10.25
CA ILE B 74 -10.71 -10.70 -11.32
C ILE B 74 -9.23 -10.87 -10.93
N MET B 75 -8.93 -10.69 -9.63
CA MET B 75 -7.55 -10.84 -9.15
C MET B 75 -7.36 -11.58 -7.83
N ARG B 76 -8.14 -11.22 -6.80
CA ARG B 76 -7.93 -11.70 -5.43
C ARG B 76 -8.31 -13.19 -5.27
N GLN B 77 -7.81 -13.80 -4.20
CA GLN B 77 -8.24 -15.11 -3.77
C GLN B 77 -9.69 -15.03 -3.35
N GLN B 78 -10.51 -15.94 -3.88
CA GLN B 78 -11.95 -15.90 -3.65
C GLN B 78 -12.35 -15.99 -2.17
N ILE B 79 -13.31 -15.17 -1.77
CA ILE B 79 -13.96 -15.33 -0.47
C ILE B 79 -15.44 -15.59 -0.71
N VAL B 80 -16.11 -16.31 0.20
CA VAL B 80 -17.59 -16.44 0.16
C VAL B 80 -18.18 -15.88 1.44
N ALA B 81 -19.51 -15.69 1.46
CA ALA B 81 -20.20 -15.27 2.67
C ALA B 81 -20.86 -16.46 3.36
N GLY B 89 -26.98 -21.55 -0.24
CA GLY B 89 -26.90 -20.20 0.34
C GLY B 89 -28.15 -19.37 0.12
N LEU B 90 -29.30 -20.05 0.21
CA LEU B 90 -30.62 -19.45 0.07
C LEU B 90 -31.65 -20.32 0.84
N ASP B 91 -31.47 -20.36 2.16
CA ASP B 91 -32.33 -21.16 3.02
C ASP B 91 -33.67 -20.49 3.29
N GLY B 92 -34.64 -21.32 3.66
CA GLY B 92 -35.98 -20.88 4.01
C GLY B 92 -36.97 -21.58 3.10
N PRO B 93 -37.04 -21.13 1.82
CA PRO B 93 -37.90 -21.79 0.83
C PRO B 93 -37.50 -23.24 0.51
N VAL B 94 -38.51 -24.04 0.20
CA VAL B 94 -38.27 -25.33 -0.38
C VAL B 94 -38.63 -25.32 -1.86
N PHE B 95 -37.71 -25.78 -2.68
CA PHE B 95 -37.88 -25.71 -4.11
C PHE B 95 -38.16 -27.08 -4.70
N GLU B 96 -39.02 -27.08 -5.72
CA GLU B 96 -39.30 -28.27 -6.50
C GLU B 96 -38.07 -28.63 -7.32
N PRO B 97 -38.00 -29.87 -7.87
CA PRO B 97 -36.84 -30.25 -8.69
C PRO B 97 -36.59 -29.18 -9.76
N LEU B 98 -35.34 -28.76 -9.91
CA LEU B 98 -34.99 -27.68 -10.82
C LEU B 98 -35.06 -28.17 -12.26
N THR B 99 -35.84 -27.48 -13.09
CA THR B 99 -35.83 -27.77 -14.53
C THR B 99 -35.32 -26.59 -15.34
N ARG B 100 -35.37 -25.38 -14.81
CA ARG B 100 -34.86 -24.28 -15.61
C ARG B 100 -33.34 -24.28 -15.67
N GLN B 101 -32.81 -23.77 -16.77
CA GLN B 101 -31.37 -23.74 -16.94
C GLN B 101 -30.84 -22.40 -17.41
N ALA B 102 -29.54 -22.23 -17.24
CA ALA B 102 -28.86 -21.05 -17.72
C ALA B 102 -28.77 -21.10 -19.25
N GLU B 103 -28.67 -19.92 -19.87
CA GLU B 103 -28.42 -19.81 -21.30
C GLU B 103 -26.99 -20.27 -21.55
N SER B 104 -26.66 -20.57 -22.80
CA SER B 104 -25.31 -21.02 -23.10
C SER B 104 -24.30 -19.88 -23.18
N THR B 105 -24.79 -18.65 -23.36
CA THR B 105 -23.90 -17.47 -23.50
C THR B 105 -23.35 -17.05 -22.13
N HIS B 106 -22.05 -16.83 -22.05
CA HIS B 106 -21.43 -16.31 -20.83
C HIS B 106 -22.03 -14.95 -20.50
N ALA B 107 -22.28 -14.68 -19.21
CA ALA B 107 -22.90 -13.41 -18.80
C ALA B 107 -22.10 -12.19 -19.31
N VAL B 108 -20.76 -12.27 -19.27
CA VAL B 108 -19.93 -11.16 -19.75
C VAL B 108 -20.23 -10.84 -21.23
N LYS B 109 -20.32 -11.87 -22.06
CA LYS B 109 -20.66 -11.67 -23.47
C LYS B 109 -22.07 -11.14 -23.66
N TYR B 110 -23.02 -11.72 -22.94
CA TYR B 110 -24.40 -11.20 -22.93
C TYR B 110 -24.43 -9.70 -22.62
N ILE B 111 -23.71 -9.28 -21.59
CA ILE B 111 -23.73 -7.87 -21.15
C ILE B 111 -23.17 -6.99 -22.26
N ILE B 112 -21.99 -7.37 -22.78
CA ILE B 112 -21.38 -6.63 -23.88
C ILE B 112 -22.31 -6.56 -25.09
N ASP B 113 -22.77 -7.70 -25.57
CA ASP B 113 -23.59 -7.72 -26.81
C ASP B 113 -24.88 -6.92 -26.66
N THR B 114 -25.50 -7.01 -25.47
CA THR B 114 -26.78 -6.38 -25.25
C THR B 114 -26.59 -4.85 -25.23
N LEU B 115 -25.57 -4.40 -24.52
CA LEU B 115 -25.25 -2.96 -24.49
C LEU B 115 -24.82 -2.41 -25.87
N MET B 116 -23.96 -3.16 -26.56
CA MET B 116 -23.49 -2.66 -27.86
C MET B 116 -24.62 -2.51 -28.88
N ALA B 117 -25.62 -3.40 -28.81
CA ALA B 117 -26.77 -3.37 -29.71
C ALA B 117 -27.82 -2.33 -29.32
N SER B 118 -27.75 -1.78 -28.12
CA SER B 118 -28.76 -0.86 -27.58
C SER B 118 -28.52 0.61 -28.02
N ASP B 119 -29.48 1.47 -27.69
CA ASP B 119 -29.36 2.90 -27.94
C ASP B 119 -28.96 3.67 -26.67
N GLY B 120 -28.37 2.99 -25.70
CA GLY B 120 -27.89 3.64 -24.47
C GLY B 120 -28.92 3.85 -23.35
N ASP B 121 -30.06 3.16 -23.44
CA ASP B 121 -31.11 3.31 -22.44
C ASP B 121 -31.12 2.23 -21.33
N ILE B 122 -30.17 1.31 -21.36
CA ILE B 122 -30.10 0.22 -20.37
C ILE B 122 -29.32 0.63 -19.14
N THR B 123 -29.85 0.27 -17.97
CA THR B 123 -29.19 0.43 -16.69
C THR B 123 -28.69 -0.92 -16.19
N LEU B 124 -27.46 -0.95 -15.70
CA LEU B 124 -26.95 -2.13 -14.99
C LEU B 124 -27.27 -2.07 -13.49
N VAL B 125 -27.68 -3.22 -12.90
CA VAL B 125 -28.02 -3.29 -11.49
C VAL B 125 -27.24 -4.42 -10.83
N PRO B 126 -25.99 -4.13 -10.46
CA PRO B 126 -25.19 -5.12 -9.78
C PRO B 126 -25.47 -5.15 -8.26
N VAL B 127 -25.82 -6.34 -7.74
CA VAL B 127 -26.06 -6.47 -6.32
C VAL B 127 -25.22 -7.61 -5.73
N GLY B 128 -24.22 -8.05 -6.48
CA GLY B 128 -23.15 -8.89 -5.93
C GLY B 128 -21.79 -8.19 -6.12
N PRO B 129 -20.69 -8.96 -5.98
CA PRO B 129 -19.35 -8.46 -6.35
C PRO B 129 -19.41 -8.03 -7.82
N LEU B 130 -18.52 -7.10 -8.20
CA LEU B 130 -18.61 -6.39 -9.47
C LEU B 130 -17.84 -7.08 -10.60
N SER B 131 -17.44 -8.35 -10.39
CA SER B 131 -16.60 -9.10 -11.35
C SER B 131 -17.10 -9.11 -12.82
N ASN B 132 -18.36 -9.46 -13.03
CA ASN B 132 -18.94 -9.44 -14.40
C ASN B 132 -18.88 -8.05 -15.00
N ILE B 133 -19.20 -7.03 -14.20
CA ILE B 133 -19.25 -5.66 -14.73
C ILE B 133 -17.83 -5.19 -15.15
N ALA B 134 -16.85 -5.44 -14.30
CA ALA B 134 -15.47 -5.00 -14.57
C ALA B 134 -14.91 -5.72 -15.79
N VAL B 135 -15.14 -7.02 -15.89
CA VAL B 135 -14.61 -7.75 -17.04
C VAL B 135 -15.26 -7.22 -18.32
N ALA B 136 -16.59 -7.02 -18.32
CA ALA B 136 -17.29 -6.52 -19.51
C ALA B 136 -16.72 -5.14 -19.92
N MET B 137 -16.51 -4.25 -18.94
CA MET B 137 -16.00 -2.90 -19.19
C MET B 137 -14.57 -2.87 -19.79
N ARG B 138 -13.69 -3.76 -19.33
CA ARG B 138 -12.29 -3.79 -19.84
C ARG B 138 -12.17 -4.61 -21.12
N MET B 139 -13.05 -5.57 -21.29
CA MET B 139 -13.08 -6.37 -22.50
C MET B 139 -13.63 -5.55 -23.69
N GLN B 140 -14.66 -4.74 -23.41
CA GLN B 140 -15.20 -3.88 -24.47
C GLN B 140 -15.53 -2.47 -23.95
N PRO B 141 -14.52 -1.59 -23.89
CA PRO B 141 -14.73 -0.22 -23.41
C PRO B 141 -15.80 0.58 -24.16
N ALA B 142 -16.15 0.19 -25.39
CA ALA B 142 -17.24 0.85 -26.10
C ALA B 142 -18.64 0.70 -25.42
N ILE B 143 -18.79 -0.22 -24.46
CA ILE B 143 -20.04 -0.28 -23.70
C ILE B 143 -20.25 0.88 -22.74
N LEU B 144 -19.18 1.58 -22.36
CA LEU B 144 -19.29 2.62 -21.31
C LEU B 144 -20.36 3.66 -21.63
N PRO B 145 -20.29 4.35 -22.81
CA PRO B 145 -21.38 5.33 -23.09
C PRO B 145 -22.77 4.69 -23.32
N LYS B 146 -22.81 3.38 -23.55
CA LYS B 146 -24.05 2.67 -23.74
C LYS B 146 -24.77 2.44 -22.38
N ILE B 147 -24.03 2.48 -21.28
CA ILE B 147 -24.61 2.30 -19.98
C ILE B 147 -25.20 3.60 -19.45
N ARG B 148 -26.51 3.62 -19.27
CA ARG B 148 -27.20 4.84 -18.83
C ARG B 148 -26.79 5.19 -17.39
N GLU B 149 -26.72 4.18 -16.53
CA GLU B 149 -26.41 4.39 -15.15
C GLU B 149 -26.10 3.01 -14.55
N ILE B 150 -25.35 2.98 -13.45
CA ILE B 150 -25.15 1.74 -12.68
C ILE B 150 -25.70 1.96 -11.25
N VAL B 151 -26.71 1.17 -10.86
CA VAL B 151 -27.32 1.28 -9.54
C VAL B 151 -26.90 0.03 -8.81
N LEU B 152 -25.90 0.17 -7.93
CA LEU B 152 -25.29 -0.97 -7.28
C LEU B 152 -25.60 -1.06 -5.80
N MET B 153 -25.71 -2.30 -5.30
CA MET B 153 -25.69 -2.50 -3.86
C MET B 153 -24.27 -2.90 -3.50
N GLY B 154 -23.64 -2.07 -2.67
CA GLY B 154 -22.29 -2.33 -2.21
C GLY B 154 -21.70 -1.10 -1.57
N GLY B 155 -20.60 -1.29 -0.84
CA GLY B 155 -19.88 -0.20 -0.22
C GLY B 155 -20.53 0.26 1.08
N ALA B 156 -19.89 1.24 1.71
CA ALA B 156 -20.33 1.88 2.94
C ALA B 156 -19.47 3.11 3.13
N TYR B 157 -20.08 4.26 3.36
CA TYR B 157 -19.26 5.43 3.69
C TYR B 157 -18.81 5.41 5.14
N GLY B 158 -19.59 4.77 6.02
CA GLY B 158 -19.18 4.53 7.40
C GLY B 158 -18.55 3.15 7.62
N THR B 159 -19.19 2.35 8.45
CA THR B 159 -18.62 1.06 8.84
C THR B 159 -19.09 -0.03 7.86
N GLY B 160 -18.17 -0.91 7.47
CA GLY B 160 -18.50 -2.05 6.61
C GLY B 160 -19.09 -3.21 7.40
N ASN B 161 -19.26 -4.37 6.74
CA ASN B 161 -19.77 -5.54 7.42
C ASN B 161 -18.75 -6.65 7.56
N PHE B 162 -18.17 -7.06 6.44
CA PHE B 162 -17.19 -8.14 6.43
C PHE B 162 -15.90 -7.74 7.15
N THR B 163 -15.43 -6.51 6.97
CA THR B 163 -14.41 -5.93 7.84
C THR B 163 -14.93 -4.59 8.35
N PRO B 164 -14.27 -3.96 9.34
CA PRO B 164 -14.68 -2.59 9.73
C PRO B 164 -14.70 -1.62 8.58
N SER B 165 -13.84 -1.85 7.57
CA SER B 165 -13.65 -0.90 6.49
C SER B 165 -14.49 -1.19 5.24
N ALA B 166 -14.86 -2.45 5.07
CA ALA B 166 -15.38 -2.94 3.78
C ALA B 166 -16.71 -3.69 3.84
N GLU B 167 -17.55 -3.41 2.84
CA GLU B 167 -18.80 -4.13 2.63
C GLU B 167 -18.49 -5.35 1.74
N PHE B 168 -19.22 -6.46 1.96
CA PHE B 168 -18.92 -7.73 1.30
C PHE B 168 -18.72 -7.67 -0.22
N ASN B 169 -19.71 -7.13 -0.95
CA ASN B 169 -19.65 -7.11 -2.43
C ASN B 169 -18.36 -6.48 -2.91
N ILE B 170 -17.95 -5.35 -2.32
CA ILE B 170 -16.71 -4.68 -2.71
C ILE B 170 -15.50 -5.51 -2.25
N PHE B 171 -15.52 -5.94 -0.97
CA PHE B 171 -14.44 -6.76 -0.41
C PHE B 171 -14.17 -8.02 -1.23
N ALA B 172 -15.23 -8.61 -1.78
CA ALA B 172 -15.13 -9.85 -2.57
C ALA B 172 -14.40 -9.67 -3.91
N ASP B 173 -14.35 -8.45 -4.43
CA ASP B 173 -13.57 -8.17 -5.63
C ASP B 173 -13.21 -6.68 -5.68
N PRO B 174 -12.22 -6.25 -4.87
CA PRO B 174 -11.89 -4.81 -4.82
C PRO B 174 -11.39 -4.26 -6.15
N GLU B 175 -10.60 -5.05 -6.87
CA GLU B 175 -10.06 -4.61 -8.15
C GLU B 175 -11.18 -4.41 -9.18
N ALA B 176 -12.19 -5.31 -9.19
CA ALA B 176 -13.38 -5.08 -10.03
C ALA B 176 -14.12 -3.81 -9.64
N ALA B 177 -14.28 -3.59 -8.34
CA ALA B 177 -14.91 -2.36 -7.89
C ALA B 177 -14.12 -1.10 -8.31
N ARG B 178 -12.79 -1.15 -8.21
CA ARG B 178 -11.95 -0.03 -8.69
C ARG B 178 -12.25 0.28 -10.19
N VAL B 179 -12.36 -0.76 -11.00
CA VAL B 179 -12.75 -0.57 -12.39
C VAL B 179 -14.08 0.19 -12.52
N VAL B 180 -15.11 -0.30 -11.85
CA VAL B 180 -16.44 0.33 -11.95
C VAL B 180 -16.37 1.80 -11.49
N PHE B 181 -15.67 2.05 -10.38
CA PHE B 181 -15.67 3.37 -9.77
C PHE B 181 -14.79 4.37 -10.51
N THR B 182 -13.96 3.87 -11.43
CA THR B 182 -13.17 4.74 -12.28
C THR B 182 -13.70 4.75 -13.74
N SER B 183 -14.85 4.14 -13.99
CA SER B 183 -15.35 3.98 -15.36
C SER B 183 -15.86 5.30 -15.99
N GLY B 184 -16.28 6.26 -15.15
CA GLY B 184 -16.92 7.48 -15.67
C GLY B 184 -18.40 7.29 -15.98
N VAL B 185 -18.92 6.08 -15.75
CA VAL B 185 -20.35 5.85 -15.95
C VAL B 185 -21.07 6.40 -14.68
N PRO B 186 -22.20 7.11 -14.84
CA PRO B 186 -22.95 7.56 -13.65
C PRO B 186 -23.27 6.38 -12.70
N LEU B 187 -22.91 6.55 -11.42
CA LEU B 187 -23.08 5.50 -10.42
C LEU B 187 -24.09 5.92 -9.36
N VAL B 188 -24.89 4.96 -8.94
CA VAL B 188 -25.71 5.11 -7.73
C VAL B 188 -25.33 3.98 -6.75
N MET B 189 -24.96 4.33 -5.53
CA MET B 189 -24.45 3.37 -4.55
C MET B 189 -25.40 3.26 -3.38
N MET B 190 -26.11 2.12 -3.33
CA MET B 190 -26.84 1.74 -2.14
C MET B 190 -25.88 1.01 -1.22
N GLY B 191 -25.18 1.77 -0.40
CA GLY B 191 -24.23 1.17 0.54
C GLY B 191 -24.91 0.77 1.84
N LEU B 192 -24.15 0.16 2.74
CA LEU B 192 -24.71 -0.33 4.02
C LEU B 192 -25.36 0.77 4.85
N ASP B 193 -24.82 1.98 4.76
CA ASP B 193 -25.36 3.12 5.51
C ASP B 193 -26.86 3.27 5.21
N LEU B 194 -27.22 3.12 3.94
CA LEU B 194 -28.63 3.17 3.49
C LEU B 194 -29.38 1.86 3.83
N THR B 195 -28.82 0.74 3.39
CA THR B 195 -29.52 -0.55 3.44
C THR B 195 -29.73 -1.07 4.85
N ASN B 196 -28.81 -0.76 5.76
CA ASN B 196 -29.00 -1.14 7.16
C ASN B 196 -30.24 -0.49 7.78
N GLN B 197 -30.79 0.52 7.11
CA GLN B 197 -32.03 1.17 7.57
C GLN B 197 -33.27 0.41 7.14
N THR B 198 -33.10 -0.51 6.22
CA THR B 198 -34.22 -1.15 5.60
C THR B 198 -34.59 -2.40 6.37
N VAL B 199 -34.96 -2.20 7.62
CA VAL B 199 -35.13 -3.30 8.57
C VAL B 199 -36.49 -4.00 8.40
N CYS B 200 -36.42 -5.27 8.02
CA CYS B 200 -37.60 -6.09 7.87
C CYS B 200 -38.03 -6.66 9.23
N THR B 201 -39.13 -6.17 9.78
CA THR B 201 -39.66 -6.65 11.03
C THR B 201 -40.79 -7.69 10.78
N PRO B 202 -41.22 -8.44 11.82
CA PRO B 202 -42.37 -9.37 11.69
C PRO B 202 -43.61 -8.79 10.97
N ASP B 203 -43.94 -7.52 11.23
CA ASP B 203 -45.08 -6.87 10.56
C ASP B 203 -44.88 -6.69 9.05
N VAL B 204 -43.65 -6.43 8.62
CA VAL B 204 -43.33 -6.35 7.20
C VAL B 204 -43.50 -7.73 6.58
N ILE B 205 -43.00 -8.77 7.23
CA ILE B 205 -43.17 -10.13 6.71
C ILE B 205 -44.65 -10.47 6.64
N ALA B 206 -45.40 -10.15 7.70
CA ALA B 206 -46.84 -10.39 7.74
C ALA B 206 -47.53 -9.78 6.53
N ARG B 207 -47.19 -8.55 6.24
CA ARG B 207 -47.81 -7.86 5.13
C ARG B 207 -47.66 -8.67 3.81
N MET B 208 -46.45 -9.14 3.55
CA MET B 208 -46.16 -9.90 2.30
C MET B 208 -46.78 -11.28 2.33
N GLU B 209 -46.71 -11.92 3.49
CA GLU B 209 -47.25 -13.29 3.70
C GLU B 209 -48.75 -13.29 3.46
N ARG B 210 -49.43 -12.29 4.00
CA ARG B 210 -50.91 -12.21 3.92
C ARG B 210 -51.39 -11.73 2.55
N ALA B 211 -50.58 -10.93 1.86
CA ALA B 211 -50.83 -10.65 0.46
C ALA B 211 -50.83 -11.98 -0.33
N GLY B 212 -49.89 -12.89 -0.01
CA GLY B 212 -49.98 -14.24 -0.54
C GLY B 212 -49.43 -14.35 -1.96
N GLY B 213 -49.76 -15.43 -2.66
CA GLY B 213 -49.15 -15.73 -3.95
C GLY B 213 -47.72 -16.24 -3.77
N PRO B 214 -47.08 -16.66 -4.88
CA PRO B 214 -45.72 -17.19 -4.84
C PRO B 214 -44.66 -16.22 -4.26
N ALA B 215 -44.76 -14.94 -4.63
CA ALA B 215 -43.77 -13.97 -4.16
C ALA B 215 -43.93 -13.66 -2.65
N GLY B 216 -45.18 -13.61 -2.18
CA GLY B 216 -45.48 -13.44 -0.76
C GLY B 216 -44.99 -14.62 0.07
N GLU B 217 -45.18 -15.85 -0.41
CA GLU B 217 -44.64 -17.02 0.31
C GLU B 217 -43.14 -17.03 0.27
N LEU B 218 -42.54 -16.72 -0.88
CA LEU B 218 -41.07 -16.67 -0.99
C LEU B 218 -40.41 -15.63 -0.07
N PHE B 219 -40.95 -14.40 -0.07
CA PHE B 219 -40.49 -13.33 0.82
C PHE B 219 -40.51 -13.79 2.26
N SER B 220 -41.65 -14.35 2.63
CA SER B 220 -41.93 -14.78 3.96
C SER B 220 -41.02 -15.96 4.40
N ASP B 221 -40.91 -17.00 3.56
CA ASP B 221 -39.96 -18.12 3.79
C ASP B 221 -38.52 -17.65 3.99
N ILE B 222 -38.07 -16.77 3.10
CA ILE B 222 -36.73 -16.17 3.16
C ILE B 222 -36.53 -15.31 4.41
N MET B 223 -37.41 -14.33 4.61
CA MET B 223 -37.21 -13.38 5.70
C MET B 223 -37.45 -13.99 7.08
N ASN B 224 -38.32 -14.98 7.17
CA ASN B 224 -38.50 -15.67 8.45
C ASN B 224 -37.20 -16.34 8.91
N PHE B 225 -36.53 -16.96 7.95
CA PHE B 225 -35.20 -17.54 8.18
C PHE B 225 -34.18 -16.47 8.58
N THR B 226 -34.08 -15.39 7.80
CA THR B 226 -33.22 -14.27 8.13
C THR B 226 -33.50 -13.76 9.56
N LEU B 227 -34.77 -13.60 9.92
CA LEU B 227 -35.11 -13.05 11.24
C LEU B 227 -34.78 -14.00 12.38
N LYS B 228 -35.05 -15.29 12.19
CA LYS B 228 -34.69 -16.35 13.14
C LYS B 228 -33.18 -16.39 13.42
N THR B 229 -32.38 -16.34 12.35
CA THR B 229 -30.93 -16.21 12.47
C THR B 229 -30.45 -14.73 12.47
N GLN B 230 -31.24 -13.85 13.11
CA GLN B 230 -30.82 -12.50 13.51
C GLN B 230 -31.09 -12.42 15.00
N PHE B 231 -32.10 -13.18 15.44
CA PHE B 231 -32.52 -13.21 16.83
C PHE B 231 -31.65 -14.17 17.65
N GLU B 232 -31.35 -15.33 17.07
CA GLU B 232 -30.46 -16.32 17.67
C GLU B 232 -29.02 -15.81 17.73
N ASN B 233 -28.59 -15.08 16.72
CA ASN B 233 -27.23 -14.53 16.70
C ASN B 233 -26.99 -13.25 17.51
N TYR B 234 -27.94 -12.32 17.49
CA TYR B 234 -27.82 -11.03 18.22
C TYR B 234 -29.16 -10.49 18.78
N GLY B 235 -30.26 -11.17 18.46
CA GLY B 235 -31.65 -10.67 18.55
C GLY B 235 -31.98 -9.35 19.22
N LEU B 236 -32.19 -8.24 18.48
CA LEU B 236 -32.37 -8.12 17.01
C LEU B 236 -33.62 -8.81 16.45
N ALA B 237 -34.70 -8.02 16.38
CA ALA B 237 -36.01 -8.50 15.96
C ALA B 237 -36.35 -8.10 14.53
N GLY B 238 -35.33 -7.90 13.71
CA GLY B 238 -35.51 -7.57 12.30
C GLY B 238 -34.18 -7.71 11.62
N GLY B 239 -34.18 -7.68 10.29
CA GLY B 239 -32.93 -7.77 9.53
C GLY B 239 -33.05 -6.98 8.22
N PRO B 240 -31.94 -6.36 7.76
CA PRO B 240 -31.99 -5.53 6.56
C PRO B 240 -32.29 -6.32 5.30
N VAL B 241 -32.95 -5.65 4.34
CA VAL B 241 -32.99 -6.15 2.99
C VAL B 241 -32.11 -5.15 2.23
N HIS B 242 -31.10 -5.65 1.54
CA HIS B 242 -30.12 -4.75 0.92
C HIS B 242 -30.40 -4.56 -0.55
N ASP B 243 -30.28 -5.67 -1.31
CA ASP B 243 -30.25 -5.63 -2.80
C ASP B 243 -31.50 -5.03 -3.41
N ALA B 244 -32.65 -5.27 -2.76
CA ALA B 244 -33.91 -4.83 -3.33
C ALA B 244 -34.02 -3.31 -3.35
N THR B 245 -33.26 -2.62 -2.50
CA THR B 245 -33.28 -1.13 -2.53
C THR B 245 -32.91 -0.51 -3.87
N CYS B 246 -32.05 -1.19 -4.63
CA CYS B 246 -31.66 -0.74 -5.98
C CYS B 246 -32.86 -0.74 -6.91
N ILE B 247 -33.69 -1.77 -6.80
CA ILE B 247 -34.92 -1.83 -7.58
C ILE B 247 -35.92 -0.76 -7.11
N GLY B 248 -36.09 -0.61 -5.78
CA GLY B 248 -36.89 0.51 -5.25
C GLY B 248 -36.45 1.83 -5.85
N TYR B 249 -35.12 2.08 -5.85
CA TYR B 249 -34.56 3.32 -6.40
C TYR B 249 -34.96 3.59 -7.88
N LEU B 250 -34.94 2.54 -8.69
CA LEU B 250 -35.29 2.66 -10.10
C LEU B 250 -36.77 2.84 -10.33
N ILE B 251 -37.58 2.30 -9.41
CA ILE B 251 -39.05 2.52 -9.49
C ILE B 251 -39.42 3.96 -9.12
N ASN B 252 -38.84 4.46 -8.03
CA ASN B 252 -39.08 5.84 -7.60
C ASN B 252 -37.90 6.36 -6.79
N PRO B 253 -36.98 7.11 -7.44
CA PRO B 253 -35.79 7.63 -6.77
C PRO B 253 -36.14 8.56 -5.61
N ASP B 254 -37.31 9.19 -5.66
CA ASP B 254 -37.75 10.08 -4.57
C ASP B 254 -37.83 9.41 -3.20
N GLY B 255 -37.94 8.06 -3.20
CA GLY B 255 -38.04 7.31 -1.95
C GLY B 255 -36.72 7.23 -1.20
N ILE B 256 -35.64 7.56 -1.90
CA ILE B 256 -34.29 7.40 -1.38
C ILE B 256 -33.53 8.72 -1.55
N LYS B 257 -33.06 9.30 -0.45
CA LYS B 257 -32.20 10.48 -0.53
C LYS B 257 -30.75 10.06 -0.80
N THR B 258 -30.15 10.66 -1.81
CA THR B 258 -28.74 10.42 -2.16
C THR B 258 -27.96 11.71 -2.02
N GLN B 259 -26.63 11.60 -1.94
CA GLN B 259 -25.75 12.76 -1.93
C GLN B 259 -24.62 12.45 -2.90
N GLU B 260 -24.35 13.40 -3.78
CA GLU B 260 -23.27 13.26 -4.76
C GLU B 260 -21.91 13.35 -4.06
N MET B 261 -21.03 12.37 -4.30
CA MET B 261 -19.73 12.32 -3.64
C MET B 261 -18.69 11.79 -4.61
N TYR B 262 -17.45 12.24 -4.44
CA TYR B 262 -16.34 11.59 -5.10
C TYR B 262 -16.01 10.36 -4.24
N VAL B 263 -16.10 9.18 -4.85
CA VAL B 263 -15.83 7.91 -4.18
C VAL B 263 -14.62 7.25 -4.85
N GLU B 264 -13.71 6.75 -4.01
CA GLU B 264 -12.56 6.02 -4.47
C GLU B 264 -12.57 4.65 -3.77
N VAL B 265 -12.23 3.59 -4.52
CA VAL B 265 -12.08 2.25 -3.93
C VAL B 265 -10.62 2.05 -3.52
N ASP B 266 -10.41 1.69 -2.26
CA ASP B 266 -9.08 1.34 -1.77
C ASP B 266 -8.76 -0.12 -2.11
N VAL B 267 -7.73 -0.33 -2.93
CA VAL B 267 -7.24 -1.68 -3.29
C VAL B 267 -5.91 -2.05 -2.58
N ASN B 268 -5.49 -1.24 -1.61
CA ASN B 268 -4.29 -1.55 -0.79
C ASN B 268 -4.62 -2.76 0.08
N SER B 269 -3.75 -3.76 0.03
CA SER B 269 -3.77 -4.83 1.06
C SER B 269 -3.58 -4.19 2.44
N GLY B 270 -4.37 -4.58 3.43
CA GLY B 270 -4.27 -3.99 4.75
C GLY B 270 -5.66 -3.71 5.32
N PRO B 271 -5.74 -2.84 6.34
CA PRO B 271 -7.01 -2.71 7.10
C PRO B 271 -8.16 -2.02 6.36
N CYS B 272 -7.92 -1.44 5.17
CA CYS B 272 -8.99 -0.83 4.39
C CYS B 272 -9.12 -1.40 2.98
N TYR B 273 -8.62 -2.61 2.77
CA TYR B 273 -8.79 -3.29 1.48
C TYR B 273 -10.28 -3.42 1.13
N GLY B 274 -10.70 -2.95 -0.05
CA GLY B 274 -12.10 -2.99 -0.45
C GLY B 274 -13.00 -1.91 0.17
N ARG B 275 -12.41 -0.89 0.82
CA ARG B 275 -13.17 0.26 1.34
C ARG B 275 -13.59 1.18 0.19
N THR B 276 -14.85 1.63 0.22
CA THR B 276 -15.30 2.77 -0.58
C THR B 276 -15.08 4.01 0.27
N VAL B 277 -14.08 4.78 -0.12
CA VAL B 277 -13.72 6.04 0.51
C VAL B 277 -14.57 7.15 -0.12
N CYS B 278 -15.51 7.67 0.66
CA CYS B 278 -16.54 8.56 0.13
C CYS B 278 -16.30 9.96 0.68
N ASP B 279 -16.03 10.89 -0.23
CA ASP B 279 -15.70 12.26 0.15
C ASP B 279 -16.99 13.05 0.46
N GLU B 280 -17.51 12.79 1.64
CA GLU B 280 -18.78 13.29 2.11
C GLU B 280 -18.80 14.81 2.19
N LEU B 281 -17.67 15.40 2.60
CA LEU B 281 -17.57 16.86 2.76
C LEU B 281 -16.91 17.57 1.59
N GLY B 282 -16.50 16.84 0.58
CA GLY B 282 -15.90 17.44 -0.63
C GLY B 282 -14.52 18.04 -0.42
N VAL B 283 -13.77 17.53 0.57
CA VAL B 283 -12.46 18.12 0.91
C VAL B 283 -11.39 17.88 -0.15
N LEU B 284 -11.56 16.84 -0.98
CA LEU B 284 -10.57 16.55 -2.02
C LEU B 284 -10.70 17.48 -3.25
N GLY B 285 -11.83 18.18 -3.35
CA GLY B 285 -12.08 19.11 -4.47
C GLY B 285 -12.15 18.39 -5.82
N LYS B 286 -12.59 17.13 -5.82
CA LYS B 286 -12.71 16.35 -7.06
C LYS B 286 -14.19 16.23 -7.42
N PRO B 287 -14.51 16.21 -8.73
CA PRO B 287 -15.92 16.08 -9.11
C PRO B 287 -16.55 14.77 -8.58
N ALA B 288 -17.80 14.86 -8.13
CA ALA B 288 -18.53 13.69 -7.64
C ALA B 288 -18.65 12.68 -8.76
N ASN B 289 -18.60 11.40 -8.43
CA ASN B 289 -18.77 10.35 -9.43
C ASN B 289 -19.92 9.37 -9.08
N THR B 290 -20.56 9.59 -7.94
CA THR B 290 -21.49 8.63 -7.34
C THR B 290 -22.60 9.35 -6.61
N LYS B 291 -23.84 8.93 -6.79
CA LYS B 291 -24.93 9.38 -5.92
C LYS B 291 -25.01 8.33 -4.81
N VAL B 292 -24.59 8.72 -3.61
CA VAL B 292 -24.47 7.78 -2.47
C VAL B 292 -25.78 7.82 -1.65
N GLY B 293 -26.32 6.63 -1.36
CA GLY B 293 -27.56 6.53 -0.62
C GLY B 293 -27.37 6.96 0.85
N ILE B 294 -28.28 7.82 1.31
CA ILE B 294 -28.18 8.39 2.65
C ILE B 294 -29.33 7.91 3.52
N THR B 295 -30.55 8.14 3.04
CA THR B 295 -31.74 7.70 3.79
C THR B 295 -32.79 7.15 2.86
N ILE B 296 -33.61 6.26 3.41
CA ILE B 296 -34.73 5.63 2.69
C ILE B 296 -36.03 5.80 3.49
N ASP B 297 -37.11 6.14 2.80
CA ASP B 297 -38.47 6.14 3.35
C ASP B 297 -38.95 4.68 3.39
N THR B 298 -38.92 4.06 4.57
CA THR B 298 -39.20 2.62 4.63
C THR B 298 -40.67 2.32 4.44
N ASP B 299 -41.55 3.26 4.82
CA ASP B 299 -42.99 3.09 4.55
C ASP B 299 -43.26 3.02 3.04
N TRP B 300 -42.62 3.93 2.30
CA TRP B 300 -42.62 3.87 0.84
C TRP B 300 -42.08 2.52 0.33
N PHE B 301 -40.93 2.11 0.87
CA PHE B 301 -40.26 0.91 0.39
C PHE B 301 -41.10 -0.36 0.60
N TRP B 302 -41.64 -0.53 1.79
CA TRP B 302 -42.44 -1.74 2.10
C TRP B 302 -43.75 -1.76 1.29
N GLY B 303 -44.31 -0.59 1.04
CA GLY B 303 -45.46 -0.45 0.13
C GLY B 303 -45.17 -0.96 -1.28
N LEU B 304 -43.99 -0.62 -1.77
CA LEU B 304 -43.52 -1.08 -3.06
C LEU B 304 -43.24 -2.59 -3.09
N VAL B 305 -42.59 -3.11 -2.05
CA VAL B 305 -42.40 -4.56 -1.93
C VAL B 305 -43.75 -5.28 -2.02
N GLU B 306 -44.76 -4.80 -1.29
CA GLU B 306 -46.09 -5.44 -1.31
C GLU B 306 -46.72 -5.39 -2.70
N GLU B 307 -46.60 -4.24 -3.35
CA GLU B 307 -47.06 -4.04 -4.73
C GLU B 307 -46.43 -5.06 -5.68
N CYS B 308 -45.11 -5.26 -5.56
CA CYS B 308 -44.43 -6.27 -6.36
C CYS B 308 -44.90 -7.69 -6.06
N VAL B 309 -45.01 -8.02 -4.79
CA VAL B 309 -45.52 -9.32 -4.41
C VAL B 309 -46.91 -9.57 -5.08
N ARG B 310 -47.76 -8.54 -5.05
CA ARG B 310 -49.09 -8.68 -5.57
C ARG B 310 -49.12 -8.89 -7.07
N GLY B 311 -48.02 -8.52 -7.75
CA GLY B 311 -47.94 -8.70 -9.19
C GLY B 311 -47.87 -10.16 -9.60
N TYR B 312 -47.61 -11.05 -8.64
CA TYR B 312 -47.47 -12.47 -8.91
C TYR B 312 -48.77 -13.21 -8.63
N ILE B 313 -49.80 -12.48 -8.19
CA ILE B 313 -51.10 -13.10 -7.94
C ILE B 313 -51.93 -13.23 -9.21
N LYS C 6 42.39 13.97 8.15
CA LYS C 6 41.59 13.03 8.99
C LYS C 6 40.10 13.30 8.78
N ARG C 7 39.33 12.26 8.45
CA ARG C 7 37.88 12.38 8.41
C ARG C 7 37.31 12.14 9.81
N LYS C 8 36.68 13.17 10.37
CA LYS C 8 35.93 13.02 11.63
C LYS C 8 34.67 12.23 11.36
N ILE C 9 34.44 11.20 12.16
CA ILE C 9 33.24 10.36 12.05
C ILE C 9 32.61 10.06 13.40
N ILE C 10 31.30 9.82 13.36
CA ILE C 10 30.61 9.13 14.44
C ILE C 10 30.15 7.81 13.83
N LEU C 11 30.55 6.72 14.49
CA LEU C 11 30.23 5.37 14.04
C LEU C 11 29.03 4.87 14.83
N ASP C 12 27.92 4.68 14.12
CA ASP C 12 26.67 4.22 14.67
C ASP C 12 26.51 2.76 14.27
N CYS C 13 26.37 1.86 15.24
CA CYS C 13 26.49 0.43 14.99
C CYS C 13 25.70 -0.43 15.97
N ASP C 14 25.53 -1.70 15.60
CA ASP C 14 24.78 -2.68 16.38
C ASP C 14 25.59 -3.98 16.54
N PRO C 15 26.74 -3.94 17.26
CA PRO C 15 27.63 -5.10 17.26
C PRO C 15 27.02 -6.41 17.81
N GLY C 16 27.09 -7.51 17.06
CA GLY C 16 27.49 -7.52 15.65
C GLY C 16 28.94 -7.85 15.37
N HIS C 17 29.16 -8.99 14.72
CA HIS C 17 30.51 -9.44 14.34
C HIS C 17 31.25 -8.44 13.43
N ASP C 18 30.63 -8.06 12.32
CA ASP C 18 31.30 -7.14 11.39
C ASP C 18 31.38 -5.70 11.88
N ASP C 19 30.41 -5.28 12.72
CA ASP C 19 30.51 -3.99 13.43
C ASP C 19 31.81 -3.89 14.21
N ALA C 20 32.16 -4.99 14.89
CA ALA C 20 33.37 -5.06 15.68
C ALA C 20 34.61 -4.83 14.82
N ILE C 21 34.61 -5.38 13.61
CA ILE C 21 35.73 -5.17 12.67
C ILE C 21 35.77 -3.70 12.25
N ALA C 22 34.59 -3.09 12.04
CA ALA C 22 34.49 -1.67 11.67
C ALA C 22 35.00 -0.78 12.80
N ILE C 23 34.67 -1.11 14.05
CA ILE C 23 35.17 -0.39 15.22
C ILE C 23 36.70 -0.46 15.26
N MET C 24 37.22 -1.68 15.11
CA MET C 24 38.66 -1.94 15.10
C MET C 24 39.38 -1.04 14.08
N MET C 25 38.85 -0.98 12.86
CA MET C 25 39.42 -0.17 11.78
C MET C 25 39.29 1.35 12.02
N ALA C 26 38.11 1.78 12.44
CA ALA C 26 37.83 3.20 12.67
C ALA C 26 38.67 3.84 13.77
N ALA C 27 38.93 3.07 14.84
CA ALA C 27 39.58 3.60 16.03
C ALA C 27 41.09 3.74 15.87
N LYS C 28 41.64 3.14 14.83
CA LYS C 28 43.09 3.00 14.69
C LYS C 28 43.70 3.76 13.52
N HIS C 29 42.97 3.87 12.42
CA HIS C 29 43.59 4.38 11.21
C HIS C 29 43.82 5.90 11.24
N PRO C 30 45.05 6.35 10.89
CA PRO C 30 45.35 7.78 10.94
C PRO C 30 44.52 8.65 10.00
N ALA C 31 43.83 8.05 9.03
CA ALA C 31 42.94 8.81 8.14
C ALA C 31 41.57 9.08 8.76
N ILE C 32 41.30 8.45 9.91
CA ILE C 32 40.02 8.56 10.61
C ILE C 32 40.22 9.20 11.99
N ASP C 33 39.36 10.16 12.31
CA ASP C 33 39.22 10.70 13.67
C ASP C 33 37.87 10.21 14.22
N LEU C 34 37.90 9.11 14.98
CA LEU C 34 36.66 8.55 15.53
C LEU C 34 36.28 9.34 16.78
N LEU C 35 35.24 10.17 16.65
CA LEU C 35 34.80 11.06 17.73
C LEU C 35 34.04 10.32 18.82
N GLY C 36 33.17 9.40 18.41
CA GLY C 36 32.34 8.65 19.33
C GLY C 36 31.72 7.44 18.67
N ILE C 37 31.32 6.45 19.46
CA ILE C 37 30.59 5.29 18.96
C ILE C 37 29.19 5.35 19.54
N THR C 38 28.17 5.35 18.68
CA THR C 38 26.79 5.30 19.14
C THR C 38 26.21 3.91 18.82
N ILE C 39 25.37 3.40 19.70
CA ILE C 39 24.86 2.04 19.60
C ILE C 39 23.37 2.06 19.38
N VAL C 40 22.91 1.16 18.50
CA VAL C 40 21.51 1.00 18.21
C VAL C 40 21.14 -0.49 18.35
N ALA C 41 19.89 -0.77 18.66
CA ALA C 41 19.36 -2.12 18.56
C ALA C 41 19.37 -2.56 17.08
N GLY C 42 19.66 -3.83 16.82
CA GLY C 42 19.63 -4.34 15.45
C GLY C 42 19.86 -5.83 15.47
N ASN C 43 21.13 -6.23 15.26
CA ASN C 43 21.55 -7.62 15.30
C ASN C 43 20.97 -8.36 16.50
N GLN C 44 21.01 -7.67 17.65
CA GLN C 44 20.38 -8.13 18.88
C GLN C 44 19.74 -6.92 19.55
N THR C 45 19.03 -7.15 20.65
CA THR C 45 18.49 -6.05 21.43
C THR C 45 19.60 -5.09 21.95
N LEU C 46 19.23 -3.87 22.29
CA LEU C 46 20.23 -2.83 22.65
C LEU C 46 21.10 -3.18 23.87
N ASP C 47 20.50 -3.83 24.87
CA ASP C 47 21.28 -4.29 26.03
C ASP C 47 22.49 -5.14 25.60
N LYS C 48 22.27 -6.04 24.65
CA LYS C 48 23.31 -6.93 24.15
C LYS C 48 24.29 -6.26 23.19
N THR C 49 23.80 -5.47 22.24
CA THR C 49 24.68 -4.76 21.30
C THR C 49 25.57 -3.72 22.03
N LEU C 50 25.00 -3.08 23.05
CA LEU C 50 25.81 -2.23 23.94
C LEU C 50 26.95 -2.97 24.63
N ILE C 51 26.63 -4.09 25.29
CA ILE C 51 27.64 -4.93 25.95
C ILE C 51 28.70 -5.40 24.94
N ASN C 52 28.26 -5.80 23.75
CA ASN C 52 29.14 -6.22 22.67
C ASN C 52 30.10 -5.11 22.23
N GLY C 53 29.56 -3.92 22.00
CA GLY C 53 30.37 -2.75 21.65
C GLY C 53 31.40 -2.42 22.72
N LEU C 54 30.95 -2.40 23.98
CA LEU C 54 31.82 -2.14 25.13
C LEU C 54 32.90 -3.20 25.32
N ASN C 55 32.54 -4.47 25.08
CA ASN C 55 33.48 -5.59 25.15
C ASN C 55 34.61 -5.42 24.14
N VAL C 56 34.26 -5.01 22.93
CA VAL C 56 35.23 -4.81 21.87
C VAL C 56 36.17 -3.67 22.22
N CYS C 57 35.60 -2.56 22.68
CA CYS C 57 36.40 -1.38 23.03
C CYS C 57 37.34 -1.67 24.19
N GLN C 58 36.86 -2.42 25.18
CA GLN C 58 37.71 -2.79 26.31
C GLN C 58 38.85 -3.71 25.89
N LYS C 59 38.54 -4.72 25.08
CA LYS C 59 39.58 -5.67 24.65
C LYS C 59 40.65 -4.99 23.79
N LEU C 60 40.23 -4.05 22.93
CA LEU C 60 41.16 -3.34 22.06
C LEU C 60 41.74 -2.07 22.68
N GLU C 61 41.39 -1.80 23.94
CA GLU C 61 41.79 -0.58 24.65
C GLU C 61 41.49 0.69 23.84
N ILE C 62 40.30 0.72 23.25
CA ILE C 62 39.80 1.87 22.52
C ILE C 62 39.10 2.77 23.53
N ASN C 63 39.64 3.96 23.75
CA ASN C 63 39.12 4.87 24.78
C ASN C 63 38.03 5.88 24.34
N VAL C 64 37.51 5.70 23.14
CA VAL C 64 36.45 6.54 22.57
C VAL C 64 35.15 6.37 23.37
N PRO C 65 34.43 7.48 23.66
CA PRO C 65 33.15 7.32 24.37
C PRO C 65 32.11 6.52 23.59
N VAL C 66 31.35 5.70 24.31
CA VAL C 66 30.28 4.89 23.73
C VAL C 66 28.92 5.37 24.29
N TYR C 67 27.96 5.60 23.40
CA TYR C 67 26.64 6.12 23.76
C TYR C 67 25.57 5.11 23.35
N ALA C 68 24.67 4.77 24.28
CA ALA C 68 23.54 3.91 23.97
C ALA C 68 22.43 4.75 23.36
N GLY C 69 21.85 4.27 22.27
CA GLY C 69 20.76 4.97 21.58
C GLY C 69 19.41 4.25 21.61
N MET C 70 18.78 4.17 20.45
CA MET C 70 17.43 3.62 20.30
C MET C 70 17.40 2.11 20.56
N PRO C 71 16.56 1.67 21.51
CA PRO C 71 16.37 0.24 21.77
C PRO C 71 15.34 -0.38 20.85
N GLN C 72 14.62 0.46 20.09
CA GLN C 72 13.52 0.02 19.23
C GLN C 72 13.54 0.85 17.94
N PRO C 73 13.03 0.27 16.83
CA PRO C 73 12.84 1.04 15.60
C PRO C 73 11.79 2.14 15.78
N ILE C 74 11.74 3.11 14.86
CA ILE C 74 10.86 4.26 15.07
C ILE C 74 9.36 3.92 14.99
N MET C 75 8.99 2.86 14.26
CA MET C 75 7.58 2.50 14.09
C MET C 75 7.24 0.99 14.15
N ARG C 76 7.99 0.17 13.42
CA ARG C 76 7.66 -1.23 13.20
C ARG C 76 7.93 -2.06 14.45
N GLN C 77 7.34 -3.25 14.45
CA GLN C 77 7.63 -4.27 15.44
C GLN C 77 9.07 -4.68 15.30
N GLN C 78 9.80 -4.69 16.40
CA GLN C 78 11.24 -4.98 16.35
C GLN C 78 11.51 -6.39 15.79
N ILE C 79 12.54 -6.50 14.95
CA ILE C 79 13.10 -7.80 14.58
C ILE C 79 14.56 -7.83 15.01
N VAL C 80 15.11 -9.02 15.23
CA VAL C 80 16.55 -9.18 15.46
C VAL C 80 17.12 -10.14 14.41
N ALA C 81 18.45 -10.21 14.34
CA ALA C 81 19.11 -11.15 13.45
C ALA C 81 19.63 -12.34 14.26
N ASP C 87 24.09 -16.57 20.43
CA ASP C 87 23.79 -16.19 21.81
C ASP C 87 24.03 -14.68 22.04
N THR C 88 25.26 -14.32 22.40
CA THR C 88 25.61 -12.94 22.80
C THR C 88 25.37 -11.87 21.73
N GLY C 89 25.44 -12.27 20.46
CA GLY C 89 25.37 -11.30 19.34
C GLY C 89 26.75 -11.01 18.76
N LEU C 90 27.76 -11.65 19.35
CA LEU C 90 29.18 -11.48 19.01
C LEU C 90 30.00 -12.64 19.63
N ASP C 91 29.67 -13.86 19.21
CA ASP C 91 30.33 -15.06 19.72
C ASP C 91 31.72 -15.24 19.12
N GLY C 92 32.56 -16.01 19.80
CA GLY C 92 33.91 -16.29 19.32
C GLY C 92 34.97 -15.84 20.30
N PRO C 93 35.29 -14.53 20.31
CA PRO C 93 36.21 -13.99 21.31
C PRO C 93 35.61 -14.00 22.73
N VAL C 94 36.41 -14.42 23.69
CA VAL C 94 36.02 -14.38 25.08
C VAL C 94 36.57 -13.10 25.68
N PHE C 95 35.74 -12.39 26.45
CA PHE C 95 36.11 -11.07 26.95
C PHE C 95 36.39 -11.08 28.43
N GLU C 96 37.15 -10.08 28.88
CA GLU C 96 37.38 -9.86 30.32
C GLU C 96 36.07 -9.37 30.96
N PRO C 97 35.95 -9.48 32.30
CA PRO C 97 34.80 -8.87 32.99
C PRO C 97 34.67 -7.40 32.60
N LEU C 98 33.48 -7.00 32.16
CA LEU C 98 33.25 -5.65 31.68
C LEU C 98 33.44 -4.60 32.78
N THR C 99 34.45 -3.75 32.61
CA THR C 99 34.70 -2.62 33.51
C THR C 99 34.23 -1.29 32.90
N ARG C 100 34.40 -1.13 31.60
CA ARG C 100 33.99 0.12 30.95
C ARG C 100 32.50 0.13 30.57
N GLN C 101 31.94 1.34 30.60
CA GLN C 101 30.50 1.57 30.50
C GLN C 101 30.14 2.62 29.45
N ALA C 102 28.86 2.67 29.12
CA ALA C 102 28.32 3.69 28.26
C ALA C 102 28.34 5.05 28.98
N GLU C 103 28.39 6.12 28.20
CA GLU C 103 28.22 7.48 28.73
C GLU C 103 26.76 7.63 29.15
N SER C 104 26.48 8.62 29.99
CA SER C 104 25.10 8.84 30.44
C SER C 104 24.22 9.55 29.42
N THR C 105 24.84 10.22 28.44
CA THR C 105 24.09 10.91 27.38
C THR C 105 23.52 9.92 26.36
N HIS C 106 22.23 10.09 26.01
CA HIS C 106 21.59 9.30 24.97
C HIS C 106 22.29 9.56 23.64
N ALA C 107 22.52 8.51 22.85
CA ALA C 107 23.20 8.64 21.56
C ALA C 107 22.55 9.69 20.64
N VAL C 108 21.22 9.78 20.64
CA VAL C 108 20.51 10.75 19.80
C VAL C 108 20.88 12.19 20.20
N LYS C 109 20.91 12.46 21.50
CA LYS C 109 21.34 13.76 21.98
C LYS C 109 22.82 14.04 21.62
N TYR C 110 23.67 13.05 21.85
CA TYR C 110 25.09 13.17 21.49
C TYR C 110 25.27 13.52 20.01
N ILE C 111 24.57 12.80 19.13
CA ILE C 111 24.67 13.07 17.69
C ILE C 111 24.22 14.51 17.38
N ILE C 112 23.05 14.91 17.86
CA ILE C 112 22.56 16.29 17.68
C ILE C 112 23.56 17.34 18.21
N ASP C 113 23.96 17.23 19.49
CA ASP C 113 24.84 18.21 20.10
C ASP C 113 26.18 18.33 19.37
N THR C 114 26.76 17.20 19.00
CA THR C 114 28.07 17.17 18.37
C THR C 114 28.00 17.82 16.98
N LEU C 115 26.95 17.51 16.22
CA LEU C 115 26.77 18.11 14.88
C LEU C 115 26.49 19.62 14.96
N MET C 116 25.59 20.01 15.86
CA MET C 116 25.25 21.43 16.06
C MET C 116 26.45 22.31 16.45
N ALA C 117 27.35 21.78 17.28
CA ALA C 117 28.53 22.49 17.70
C ALA C 117 29.69 22.45 16.69
N SER C 118 29.57 21.61 15.66
CA SER C 118 30.64 21.43 14.67
C SER C 118 30.66 22.51 13.57
N ASP C 119 31.70 22.47 12.74
CA ASP C 119 31.76 23.32 11.56
C ASP C 119 31.38 22.60 10.26
N GLY C 120 30.59 21.53 10.39
CA GLY C 120 30.05 20.80 9.24
C GLY C 120 30.99 19.80 8.58
N ASP C 121 32.04 19.40 9.28
CA ASP C 121 33.06 18.49 8.72
C ASP C 121 32.92 17.02 9.16
N ILE C 122 31.87 16.73 9.94
CA ILE C 122 31.68 15.39 10.52
C ILE C 122 30.82 14.52 9.60
N THR C 123 31.27 13.27 9.43
CA THR C 123 30.59 12.25 8.65
C THR C 123 29.95 11.22 9.58
N LEU C 124 28.67 10.91 9.34
CA LEU C 124 28.01 9.82 10.06
C LEU C 124 28.27 8.50 9.35
N VAL C 125 28.59 7.46 10.12
CA VAL C 125 28.82 6.12 9.56
C VAL C 125 27.88 5.10 10.21
N PRO C 126 26.63 5.01 9.72
CA PRO C 126 25.70 4.02 10.24
C PRO C 126 25.89 2.64 9.62
N VAL C 127 26.13 1.63 10.45
CA VAL C 127 26.29 0.28 9.98
C VAL C 127 25.30 -0.68 10.65
N GLY C 128 24.27 -0.10 11.26
CA GLY C 128 23.13 -0.84 11.77
C GLY C 128 21.84 -0.27 11.18
N PRO C 129 20.67 -0.66 11.75
CA PRO C 129 19.42 0.02 11.40
C PRO C 129 19.61 1.52 11.65
N LEU C 130 18.88 2.33 10.90
CA LEU C 130 19.04 3.79 10.86
C LEU C 130 18.23 4.56 11.91
N SER C 131 17.75 3.84 12.92
CA SER C 131 16.91 4.41 13.99
C SER C 131 17.49 5.66 14.70
N ASN C 132 18.75 5.59 15.17
CA ASN C 132 19.37 6.75 15.83
C ASN C 132 19.44 7.96 14.90
N ILE C 133 19.81 7.70 13.66
CA ILE C 133 19.99 8.75 12.65
C ILE C 133 18.69 9.46 12.32
N ALA C 134 17.64 8.69 12.07
CA ALA C 134 16.32 9.26 11.75
C ALA C 134 15.75 10.07 12.92
N VAL C 135 15.89 9.55 14.14
CA VAL C 135 15.38 10.29 15.30
C VAL C 135 16.11 11.61 15.44
N ALA C 136 17.44 11.58 15.33
CA ALA C 136 18.26 12.81 15.40
C ALA C 136 17.83 13.83 14.35
N MET C 137 17.60 13.35 13.12
CA MET C 137 17.22 14.20 11.98
C MET C 137 15.89 14.92 12.16
N ARG C 138 14.93 14.23 12.75
CA ARG C 138 13.57 14.76 12.86
C ARG C 138 13.43 15.56 14.15
N MET C 139 14.19 15.17 15.18
CA MET C 139 14.22 15.90 16.42
C MET C 139 14.92 17.26 16.29
N GLN C 140 16.00 17.31 15.50
CA GLN C 140 16.71 18.58 15.23
C GLN C 140 17.11 18.67 13.76
N PRO C 141 16.17 19.09 12.88
CA PRO C 141 16.48 19.25 11.43
C PRO C 141 17.65 20.20 11.10
N ALA C 142 18.01 21.10 12.02
CA ALA C 142 19.18 21.96 11.81
C ALA C 142 20.48 21.16 11.69
N ILE C 143 20.48 19.88 12.07
CA ILE C 143 21.69 19.05 11.88
C ILE C 143 21.98 18.71 10.40
N LEU C 144 20.96 18.77 9.54
CA LEU C 144 21.09 18.34 8.15
C LEU C 144 22.23 18.99 7.36
N PRO C 145 22.29 20.33 7.32
CA PRO C 145 23.45 20.93 6.65
C PRO C 145 24.80 20.77 7.39
N LYS C 146 24.78 20.38 8.67
CA LYS C 146 26.00 20.13 9.44
C LYS C 146 26.65 18.79 9.09
N ILE C 147 25.87 17.87 8.52
CA ILE C 147 26.38 16.55 8.19
C ILE C 147 27.11 16.61 6.85
N ARG C 148 28.40 16.33 6.86
CA ARG C 148 29.18 16.33 5.62
C ARG C 148 28.72 15.25 4.66
N GLU C 149 28.53 14.04 5.16
CA GLU C 149 28.17 12.90 4.33
C GLU C 149 27.67 11.82 5.27
N ILE C 150 26.93 10.88 4.73
CA ILE C 150 26.55 9.69 5.48
C ILE C 150 27.02 8.48 4.66
N VAL C 151 27.90 7.68 5.26
CA VAL C 151 28.42 6.47 4.62
C VAL C 151 27.83 5.28 5.39
N LEU C 152 26.75 4.71 4.84
CA LEU C 152 26.05 3.64 5.52
C LEU C 152 26.26 2.25 4.92
N MET C 153 26.32 1.23 5.78
CA MET C 153 26.15 -0.15 5.32
C MET C 153 24.67 -0.52 5.42
N GLY C 154 24.08 -0.87 4.28
CA GLY C 154 22.65 -1.18 4.23
C GLY C 154 22.13 -1.18 2.82
N GLY C 155 20.98 -1.82 2.60
CA GLY C 155 20.35 -1.86 1.29
C GLY C 155 20.95 -2.89 0.34
N ALA C 156 20.37 -2.94 -0.86
CA ALA C 156 20.81 -3.78 -1.96
C ALA C 156 20.07 -3.32 -3.19
N TYR C 157 20.77 -3.06 -4.29
CA TYR C 157 20.04 -2.77 -5.54
C TYR C 157 19.54 -4.07 -6.21
N GLY C 158 20.19 -5.19 -5.90
CA GLY C 158 19.77 -6.50 -6.37
C GLY C 158 18.95 -7.26 -5.33
N THR C 159 19.41 -8.43 -4.95
CA THR C 159 18.71 -9.28 -3.99
C THR C 159 19.11 -8.95 -2.55
N GLY C 160 18.12 -8.84 -1.66
CA GLY C 160 18.39 -8.62 -0.22
C GLY C 160 18.84 -9.90 0.48
N ASN C 161 18.94 -9.86 1.81
CA ASN C 161 19.32 -11.06 2.58
C ASN C 161 18.17 -11.51 3.50
N PHE C 162 17.63 -10.60 4.31
CA PHE C 162 16.55 -10.96 5.21
C PHE C 162 15.26 -11.36 4.47
N THR C 163 14.99 -10.68 3.37
CA THR C 163 13.96 -11.10 2.42
C THR C 163 14.58 -11.00 1.02
N PRO C 164 13.88 -11.49 -0.04
CA PRO C 164 14.42 -11.30 -1.39
C PRO C 164 14.58 -9.82 -1.75
N SER C 165 13.76 -8.98 -1.14
CA SER C 165 13.75 -7.56 -1.48
C SER C 165 14.61 -6.67 -0.61
N ALA C 166 14.90 -7.12 0.62
CA ALA C 166 15.41 -6.20 1.64
C ALA C 166 16.65 -6.71 2.35
N GLU C 167 17.58 -5.81 2.58
CA GLU C 167 18.76 -6.06 3.40
C GLU C 167 18.37 -5.76 4.88
N PHE C 168 18.97 -6.50 5.82
CA PHE C 168 18.61 -6.42 7.25
C PHE C 168 18.55 -5.03 7.86
N ASN C 169 19.62 -4.25 7.75
CA ASN C 169 19.63 -2.91 8.37
C ASN C 169 18.43 -2.05 7.98
N ILE C 170 18.08 -2.06 6.70
CA ILE C 170 16.91 -1.28 6.22
C ILE C 170 15.60 -1.96 6.69
N PHE C 171 15.52 -3.28 6.51
CA PHE C 171 14.33 -4.04 6.89
C PHE C 171 13.98 -3.88 8.38
N ALA C 172 15.02 -3.77 9.21
CA ALA C 172 14.87 -3.61 10.66
C ALA C 172 14.22 -2.27 11.07
N ASP C 173 14.33 -1.25 10.23
CA ASP C 173 13.65 0.02 10.45
C ASP C 173 13.46 0.75 9.10
N PRO C 174 12.48 0.30 8.31
CA PRO C 174 12.28 0.93 6.99
C PRO C 174 11.89 2.39 7.06
N GLU C 175 11.13 2.77 8.08
CA GLU C 175 10.66 4.15 8.19
C GLU C 175 11.83 5.06 8.52
N ALA C 176 12.73 4.58 9.37
CA ALA C 176 13.97 5.31 9.64
C ALA C 176 14.81 5.48 8.39
N ALA C 177 14.93 4.40 7.62
CA ALA C 177 15.65 4.46 6.34
C ALA C 177 15.02 5.49 5.38
N ARG C 178 13.69 5.55 5.32
CA ARG C 178 13.00 6.53 4.48
C ARG C 178 13.37 7.97 4.88
N VAL C 179 13.49 8.23 6.18
CA VAL C 179 13.90 9.54 6.66
C VAL C 179 15.32 9.88 6.13
N VAL C 180 16.23 8.95 6.29
CA VAL C 180 17.62 9.16 5.88
C VAL C 180 17.70 9.38 4.39
N PHE C 181 17.02 8.53 3.63
CA PHE C 181 17.10 8.61 2.15
C PHE C 181 16.30 9.76 1.51
N THR C 182 15.52 10.48 2.32
CA THR C 182 14.85 11.72 1.88
C THR C 182 15.43 12.97 2.59
N SER C 183 16.53 12.82 3.33
CA SER C 183 17.14 13.95 4.08
C SER C 183 17.78 15.03 3.20
N GLY C 184 18.23 14.64 2.01
CA GLY C 184 19.00 15.53 1.15
C GLY C 184 20.48 15.66 1.52
N VAL C 185 20.90 14.94 2.56
CA VAL C 185 22.32 14.88 2.96
C VAL C 185 23.03 13.94 1.95
N PRO C 186 24.26 14.28 1.51
CA PRO C 186 25.00 13.34 0.62
C PRO C 186 25.15 11.95 1.26
N LEU C 187 24.78 10.92 0.49
CA LEU C 187 24.72 9.54 0.97
C LEU C 187 25.65 8.65 0.18
N VAL C 188 26.30 7.74 0.90
CA VAL C 188 27.04 6.67 0.27
C VAL C 188 26.49 5.38 0.84
N MET C 189 26.14 4.46 -0.05
CA MET C 189 25.48 3.22 0.35
C MET C 189 26.33 2.01 -0.01
N MET C 190 26.89 1.38 1.00
CA MET C 190 27.54 0.10 0.82
C MET C 190 26.46 -0.97 1.00
N GLY C 191 25.79 -1.33 -0.11
CA GLY C 191 24.73 -2.34 -0.07
C GLY C 191 25.30 -3.74 -0.23
N LEU C 192 24.42 -4.75 -0.17
CA LEU C 192 24.88 -6.13 -0.26
C LEU C 192 25.59 -6.47 -1.56
N ASP C 193 25.21 -5.80 -2.63
CA ASP C 193 25.82 -6.01 -3.95
C ASP C 193 27.32 -5.81 -3.86
N LEU C 194 27.73 -4.81 -3.08
CA LEU C 194 29.14 -4.53 -2.86
C LEU C 194 29.76 -5.45 -1.80
N THR C 195 29.13 -5.50 -0.65
CA THR C 195 29.70 -6.11 0.55
C THR C 195 29.79 -7.61 0.42
N ASN C 196 28.88 -8.23 -0.35
CA ASN C 196 28.95 -9.67 -0.61
C ASN C 196 30.22 -10.07 -1.36
N GLN C 197 30.90 -9.10 -1.97
CA GLN C 197 32.19 -9.33 -2.64
C GLN C 197 33.39 -9.45 -1.71
N THR C 198 33.25 -8.99 -0.48
CA THR C 198 34.37 -8.99 0.44
C THR C 198 34.34 -10.30 1.23
N VAL C 199 34.57 -11.41 0.52
CA VAL C 199 34.55 -12.73 1.14
C VAL C 199 35.85 -13.02 1.90
N CYS C 200 35.71 -13.13 3.21
CA CYS C 200 36.83 -13.48 4.08
C CYS C 200 37.07 -14.99 4.04
N THR C 201 38.22 -15.40 3.52
CA THR C 201 38.55 -16.82 3.40
C THR C 201 39.57 -17.22 4.47
N PRO C 202 39.65 -18.54 4.80
CA PRO C 202 40.66 -19.02 5.75
C PRO C 202 42.02 -18.32 5.65
N ASP C 203 42.48 -18.06 4.42
CA ASP C 203 43.78 -17.40 4.18
C ASP C 203 43.81 -15.92 4.57
N VAL C 204 42.66 -15.23 4.42
CA VAL C 204 42.54 -13.87 4.92
C VAL C 204 42.64 -13.90 6.45
N ILE C 205 41.94 -14.84 7.08
CA ILE C 205 42.02 -15.02 8.54
C ILE C 205 43.45 -15.35 8.95
N ALA C 206 44.09 -16.25 8.20
CA ALA C 206 45.49 -16.65 8.46
C ALA C 206 46.46 -15.48 8.27
N ARG C 207 46.16 -14.60 7.32
CA ARG C 207 46.95 -13.39 7.09
C ARG C 207 46.95 -12.49 8.33
N MET C 208 45.77 -12.32 8.93
CA MET C 208 45.58 -11.43 10.07
C MET C 208 46.13 -12.00 11.38
N GLU C 209 46.01 -13.32 11.53
CA GLU C 209 46.59 -14.03 12.68
C GLU C 209 48.10 -13.85 12.75
N ARG C 210 48.76 -13.93 11.60
CA ARG C 210 50.21 -13.80 11.54
C ARG C 210 50.66 -12.38 11.90
N ALA C 211 49.82 -11.40 11.58
CA ALA C 211 50.04 -10.03 12.04
C ALA C 211 49.93 -9.97 13.57
N GLY C 212 48.92 -10.64 14.13
CA GLY C 212 48.81 -10.83 15.58
C GLY C 212 48.31 -9.61 16.33
N GLY C 213 48.68 -9.53 17.61
CA GLY C 213 48.22 -8.46 18.49
C GLY C 213 46.75 -8.59 18.89
N PRO C 214 46.26 -7.65 19.72
CA PRO C 214 44.88 -7.70 20.20
C PRO C 214 43.86 -7.74 19.05
N ALA C 215 44.10 -6.93 18.03
CA ALA C 215 43.20 -6.82 16.86
C ALA C 215 43.22 -8.07 16.01
N GLY C 216 44.41 -8.65 15.84
CA GLY C 216 44.59 -9.85 15.02
C GLY C 216 43.85 -11.05 15.59
N GLU C 217 44.04 -11.28 16.89
CA GLU C 217 43.30 -12.30 17.63
C GLU C 217 41.78 -12.11 17.59
N LEU C 218 41.33 -10.87 17.80
CA LEU C 218 39.89 -10.54 17.74
C LEU C 218 39.29 -10.82 16.36
N PHE C 219 39.96 -10.35 15.32
CA PHE C 219 39.54 -10.63 13.93
C PHE C 219 39.48 -12.14 13.69
N SER C 220 40.53 -12.85 14.08
CA SER C 220 40.58 -14.31 13.96
C SER C 220 39.44 -14.98 14.72
N ASP C 221 39.28 -14.63 16.00
CA ASP C 221 38.22 -15.19 16.84
C ASP C 221 36.82 -14.98 16.24
N ILE C 222 36.58 -13.77 15.74
CA ILE C 222 35.29 -13.39 15.16
C ILE C 222 35.03 -14.09 13.83
N MET C 223 36.00 -14.03 12.91
CA MET C 223 35.81 -14.58 11.57
C MET C 223 35.92 -16.11 11.52
N ASN C 224 36.59 -16.70 12.52
CA ASN C 224 36.58 -18.16 12.69
C ASN C 224 35.17 -18.65 13.01
N PHE C 225 34.50 -17.97 13.94
CA PHE C 225 33.13 -18.29 14.26
C PHE C 225 32.24 -18.10 13.02
N THR C 226 32.37 -16.94 12.37
CA THR C 226 31.65 -16.66 11.11
C THR C 226 32.24 -17.48 9.97
N GLY C 239 32.81 -16.08 4.01
CA GLY C 239 31.82 -15.12 4.49
C GLY C 239 32.23 -13.67 4.31
N PRO C 240 31.26 -12.80 3.95
CA PRO C 240 31.48 -11.35 3.78
C PRO C 240 31.72 -10.60 5.09
N VAL C 241 32.57 -9.57 5.02
CA VAL C 241 32.60 -8.54 6.06
C VAL C 241 31.87 -7.36 5.42
N HIS C 242 30.87 -6.81 6.10
CA HIS C 242 30.02 -5.77 5.49
C HIS C 242 30.39 -4.39 5.99
N ASP C 243 30.25 -4.20 7.30
CA ASP C 243 30.34 -2.87 7.91
C ASP C 243 31.67 -2.18 7.70
N ALA C 244 32.74 -2.95 7.76
CA ALA C 244 34.09 -2.44 7.60
C ALA C 244 34.34 -1.75 6.25
N THR C 245 33.56 -2.08 5.22
CA THR C 245 33.70 -1.43 3.90
C THR C 245 33.44 0.08 3.97
N CYS C 246 32.58 0.52 4.88
CA CYS C 246 32.35 1.95 5.08
C CYS C 246 33.62 2.67 5.55
N ILE C 247 34.38 2.01 6.42
CA ILE C 247 35.62 2.58 6.95
C ILE C 247 36.69 2.55 5.85
N GLY C 248 36.78 1.43 5.12
CA GLY C 248 37.62 1.37 3.92
C GLY C 248 37.33 2.54 2.99
N TYR C 249 36.05 2.78 2.70
CA TYR C 249 35.64 3.86 1.79
C TYR C 249 36.14 5.25 2.22
N LEU C 250 36.09 5.52 3.52
CA LEU C 250 36.52 6.80 4.05
C LEU C 250 38.04 6.95 4.08
N ILE C 251 38.75 5.83 4.22
CA ILE C 251 40.21 5.83 4.17
C ILE C 251 40.68 6.09 2.73
N ASN C 252 40.11 5.37 1.76
CA ASN C 252 40.44 5.59 0.35
C ASN C 252 39.25 5.21 -0.55
N PRO C 253 38.47 6.22 -0.98
CA PRO C 253 37.31 5.99 -1.82
C PRO C 253 37.65 5.33 -3.17
N ASP C 254 38.89 5.51 -3.62
CA ASP C 254 39.32 4.92 -4.89
C ASP C 254 39.24 3.40 -4.89
N GLY C 255 39.26 2.78 -3.72
CA GLY C 255 39.24 1.32 -3.60
C GLY C 255 37.88 0.73 -3.91
N ILE C 256 36.87 1.61 -3.95
CA ILE C 256 35.48 1.22 -4.13
C ILE C 256 34.86 2.04 -5.27
N LYS C 257 34.36 1.34 -6.30
CA LYS C 257 33.62 2.01 -7.35
C LYS C 257 32.15 2.20 -6.93
N THR C 258 31.67 3.44 -7.04
CA THR C 258 30.27 3.75 -6.77
C THR C 258 29.61 4.25 -8.06
N GLN C 259 28.29 4.26 -8.08
CA GLN C 259 27.52 4.85 -9.15
C GLN C 259 26.43 5.69 -8.49
N GLU C 260 26.28 6.92 -8.97
CA GLU C 260 25.26 7.82 -8.44
C GLU C 260 23.90 7.37 -8.94
N MET C 261 22.95 7.25 -8.02
CA MET C 261 21.60 6.77 -8.34
C MET C 261 20.59 7.52 -7.49
N TYR C 262 19.38 7.67 -8.04
CA TYR C 262 18.23 8.04 -7.23
C TYR C 262 17.71 6.76 -6.55
N VAL C 263 17.75 6.77 -5.22
CA VAL C 263 17.33 5.65 -4.39
C VAL C 263 16.11 6.06 -3.57
N GLU C 264 15.11 5.20 -3.57
CA GLU C 264 13.92 5.40 -2.76
C GLU C 264 13.74 4.17 -1.83
N VAL C 265 13.34 4.39 -0.58
CA VAL C 265 13.05 3.29 0.32
C VAL C 265 11.56 2.96 0.23
N ASP C 266 11.23 1.69 -0.02
CA ASP C 266 9.85 1.22 -0.05
C ASP C 266 9.40 0.90 1.37
N VAL C 267 8.43 1.67 1.88
CA VAL C 267 7.83 1.40 3.20
C VAL C 267 6.47 0.70 3.15
N ASN C 268 6.05 0.22 1.96
CA ASN C 268 4.82 -0.52 1.82
C ASN C 268 4.97 -1.86 2.52
N SER C 269 4.01 -2.18 3.39
CA SER C 269 3.87 -3.57 3.88
C SER C 269 3.66 -4.45 2.64
N GLY C 270 4.28 -5.62 2.64
CA GLY C 270 4.19 -6.54 1.51
C GLY C 270 5.57 -6.99 1.10
N PRO C 271 5.70 -7.55 -0.12
CA PRO C 271 6.92 -8.28 -0.52
C PRO C 271 8.18 -7.44 -0.73
N CYS C 272 8.07 -6.11 -0.71
CA CYS C 272 9.24 -5.24 -0.88
C CYS C 272 9.40 -4.25 0.26
N TYR C 273 8.79 -4.54 1.40
CA TYR C 273 8.95 -3.73 2.62
C TYR C 273 10.44 -3.62 2.96
N GLY C 274 10.96 -2.39 3.03
CA GLY C 274 12.36 -2.14 3.35
C GLY C 274 13.32 -2.35 2.20
N ARG C 275 12.80 -2.41 0.97
CA ARG C 275 13.64 -2.42 -0.21
C ARG C 275 14.23 -1.03 -0.51
N THR C 276 15.51 -1.00 -0.85
CA THR C 276 16.10 0.21 -1.44
C THR C 276 15.95 0.07 -2.94
N VAL C 277 15.04 0.88 -3.48
CA VAL C 277 14.77 0.86 -4.91
C VAL C 277 15.75 1.80 -5.60
N CYS C 278 16.70 1.23 -6.34
CA CYS C 278 17.81 1.98 -6.88
C CYS C 278 17.67 2.14 -8.40
N ASP C 279 17.53 3.39 -8.84
CA ASP C 279 17.36 3.71 -10.24
C ASP C 279 18.70 3.67 -10.98
N GLU C 280 19.13 2.44 -11.23
CA GLU C 280 20.39 2.11 -11.83
C GLU C 280 20.52 2.74 -13.22
N LEU C 281 19.43 2.72 -14.00
CA LEU C 281 19.47 3.22 -15.38
C LEU C 281 19.00 4.67 -15.56
N GLY C 282 18.58 5.30 -14.46
CA GLY C 282 18.10 6.67 -14.48
C GLY C 282 16.76 6.86 -15.18
N VAL C 283 15.92 5.83 -15.19
CA VAL C 283 14.64 5.88 -15.95
C VAL C 283 13.61 6.84 -15.34
N LEU C 284 13.70 7.09 -14.04
CA LEU C 284 12.78 8.01 -13.39
C LEU C 284 13.10 9.50 -13.65
N GLY C 285 14.27 9.79 -14.18
CA GLY C 285 14.70 11.17 -14.49
C GLY C 285 14.78 12.07 -13.26
N LYS C 286 15.13 11.47 -12.12
CA LYS C 286 15.25 12.19 -10.85
C LYS C 286 16.72 12.39 -10.49
N PRO C 287 17.07 13.52 -9.85
CA PRO C 287 18.48 13.69 -9.50
C PRO C 287 18.96 12.58 -8.55
N ALA C 288 20.18 12.09 -8.76
CA ALA C 288 20.79 11.09 -7.87
C ALA C 288 20.85 11.59 -6.43
N ASN C 289 20.69 10.72 -5.45
CA ASN C 289 20.79 11.13 -4.06
C ASN C 289 21.79 10.29 -3.25
N THR C 290 22.34 9.27 -3.90
CA THR C 290 23.19 8.28 -3.25
C THR C 290 24.31 7.87 -4.20
N LYS C 291 25.53 7.71 -3.67
CA LYS C 291 26.60 7.00 -4.38
C LYS C 291 26.50 5.53 -3.96
N VAL C 292 26.09 4.67 -4.88
CA VAL C 292 25.81 3.27 -4.56
C VAL C 292 27.05 2.42 -4.85
N GLY C 293 27.46 1.62 -3.87
CA GLY C 293 28.62 0.75 -4.03
C GLY C 293 28.39 -0.29 -5.11
N ILE C 294 29.33 -0.40 -6.04
CA ILE C 294 29.25 -1.36 -7.15
C ILE C 294 30.29 -2.47 -7.00
N THR C 295 31.56 -2.09 -6.91
CA THR C 295 32.64 -3.06 -6.82
C THR C 295 33.72 -2.59 -5.85
N ILE C 296 34.43 -3.56 -5.27
CA ILE C 296 35.48 -3.27 -4.32
C ILE C 296 36.74 -4.04 -4.72
N ASP C 297 37.88 -3.36 -4.64
CA ASP C 297 39.20 -3.98 -4.83
C ASP C 297 39.55 -4.72 -3.54
N THR C 298 39.41 -6.04 -3.52
CA THR C 298 39.55 -6.78 -2.27
C THR C 298 40.99 -6.91 -1.79
N ASP C 299 41.94 -6.88 -2.73
CA ASP C 299 43.37 -6.83 -2.39
C ASP C 299 43.69 -5.55 -1.62
N TRP C 300 43.20 -4.42 -2.13
CA TRP C 300 43.29 -3.15 -1.42
C TRP C 300 42.64 -3.26 -0.04
N PHE C 301 41.41 -3.77 0.02
CA PHE C 301 40.66 -3.84 1.27
C PHE C 301 41.35 -4.66 2.37
N TRP C 302 41.82 -5.86 2.03
CA TRP C 302 42.47 -6.72 3.01
C TRP C 302 43.81 -6.13 3.48
N GLY C 303 44.52 -5.46 2.57
CA GLY C 303 45.75 -4.74 2.93
C GLY C 303 45.49 -3.70 4.01
N LEU C 304 44.40 -2.98 3.83
CA LEU C 304 43.93 -1.98 4.78
C LEU C 304 43.54 -2.60 6.13
N VAL C 305 42.74 -3.67 6.09
CA VAL C 305 42.40 -4.42 7.30
C VAL C 305 43.67 -4.82 8.09
N GLU C 306 44.70 -5.30 7.40
CA GLU C 306 45.97 -5.69 8.05
C GLU C 306 46.73 -4.50 8.63
N GLU C 307 46.75 -3.40 7.90
CA GLU C 307 47.28 -2.11 8.34
C GLU C 307 46.66 -1.68 9.67
N CYS C 308 45.33 -1.81 9.76
CA CYS C 308 44.58 -1.49 10.98
C CYS C 308 44.86 -2.47 12.12
N VAL C 309 44.92 -3.76 11.79
CA VAL C 309 45.28 -4.83 12.73
C VAL C 309 46.68 -4.61 13.35
N ARG C 310 47.66 -4.30 12.51
CA ARG C 310 49.04 -4.05 12.93
C ARG C 310 49.18 -2.80 13.79
N GLY C 311 48.22 -1.89 13.68
CA GLY C 311 48.18 -0.69 14.52
C GLY C 311 47.97 -0.95 16.01
N TYR C 312 47.47 -2.13 16.35
CA TYR C 312 47.18 -2.48 17.75
C TYR C 312 48.32 -3.20 18.49
N ILE C 313 49.33 -3.67 17.75
CA ILE C 313 50.51 -4.30 18.39
C ILE C 313 51.29 -3.26 19.22
N LYS C 314 51.62 -3.63 20.51
CA LYS C 314 52.36 -2.71 21.38
C LYS C 314 53.88 -2.99 21.30
N LYS D 6 -7.26 14.38 42.17
CA LYS D 6 -6.63 15.13 41.06
C LYS D 6 -5.96 14.15 40.10
N ARG D 7 -6.30 14.23 38.82
CA ARG D 7 -5.56 13.51 37.77
C ARG D 7 -4.35 14.33 37.30
N LYS D 8 -3.15 13.78 37.52
CA LYS D 8 -1.91 14.32 37.02
C LYS D 8 -1.87 14.09 35.52
N ILE D 9 -1.66 15.16 34.77
CA ILE D 9 -1.53 15.05 33.33
C ILE D 9 -0.32 15.83 32.80
N ILE D 10 0.17 15.39 31.64
CA ILE D 10 1.04 16.18 30.79
C ILE D 10 0.21 16.44 29.53
N LEU D 11 0.04 17.71 29.19
CA LEU D 11 -0.75 18.11 28.04
C LEU D 11 0.18 18.36 26.88
N ASP D 12 0.08 17.51 25.85
CA ASP D 12 0.89 17.61 24.67
C ASP D 12 0.04 18.22 23.55
N CYS D 13 0.46 19.34 22.99
CA CYS D 13 -0.43 20.12 22.14
C CYS D 13 0.31 20.95 21.07
N ASP D 14 -0.45 21.45 20.10
CA ASP D 14 0.09 22.23 18.98
C ASP D 14 -0.77 23.50 18.78
N PRO D 15 -0.75 24.44 19.75
CA PRO D 15 -1.71 25.55 19.68
C PRO D 15 -1.56 26.45 18.45
N GLY D 16 -2.64 26.69 17.70
CA GLY D 16 -3.90 25.97 17.84
C GLY D 16 -4.95 26.62 18.71
N HIS D 17 -6.06 27.04 18.10
CA HIS D 17 -7.18 27.70 18.79
C HIS D 17 -7.78 26.81 19.87
N ASP D 18 -8.12 25.57 19.52
CA ASP D 18 -8.77 24.72 20.53
C ASP D 18 -7.78 24.15 21.56
N ASP D 19 -6.52 23.98 21.17
CA ASP D 19 -5.47 23.71 22.16
C ASP D 19 -5.45 24.74 23.29
N ALA D 20 -5.58 26.01 22.93
CA ALA D 20 -5.55 27.08 23.91
C ALA D 20 -6.70 26.94 24.89
N ILE D 21 -7.87 26.53 24.41
CA ILE D 21 -9.02 26.28 25.28
C ILE D 21 -8.70 25.12 26.22
N ALA D 22 -8.05 24.08 25.70
CA ALA D 22 -7.66 22.90 26.49
C ALA D 22 -6.66 23.28 27.58
N ILE D 23 -5.70 24.15 27.24
CA ILE D 23 -4.72 24.67 28.23
C ILE D 23 -5.45 25.43 29.36
N MET D 24 -6.33 26.33 28.97
CA MET D 24 -7.11 27.14 29.88
C MET D 24 -7.83 26.24 30.89
N MET D 25 -8.51 25.20 30.39
CA MET D 25 -9.25 24.27 31.23
C MET D 25 -8.35 23.46 32.16
N ALA D 26 -7.28 22.89 31.60
CA ALA D 26 -6.36 21.99 32.31
C ALA D 26 -5.62 22.67 33.44
N ALA D 27 -5.30 23.95 33.26
CA ALA D 27 -4.45 24.69 34.20
C ALA D 27 -5.24 25.19 35.41
N LYS D 28 -6.57 25.12 35.33
CA LYS D 28 -7.44 25.75 36.34
C LYS D 28 -8.32 24.80 37.14
N HIS D 29 -8.73 23.70 36.54
CA HIS D 29 -9.71 22.87 37.22
C HIS D 29 -9.11 22.03 38.36
N PRO D 30 -9.75 22.08 39.56
CA PRO D 30 -9.22 21.34 40.71
C PRO D 30 -9.19 19.82 40.55
N ALA D 31 -9.86 19.28 39.54
CA ALA D 31 -9.80 17.84 39.26
C ALA D 31 -8.56 17.45 38.44
N ILE D 32 -7.81 18.46 37.97
CA ILE D 32 -6.62 18.26 37.14
C ILE D 32 -5.37 18.83 37.83
N ASP D 33 -4.29 18.06 37.82
CA ASP D 33 -2.98 18.54 38.22
C ASP D 33 -2.13 18.59 36.96
N LEU D 34 -2.06 19.78 36.35
CA LEU D 34 -1.29 19.96 35.14
C LEU D 34 0.20 20.09 35.52
N LEU D 35 0.97 19.05 35.20
CA LEU D 35 2.40 18.97 35.56
C LEU D 35 3.28 19.76 34.60
N GLY D 36 2.95 19.71 33.31
CA GLY D 36 3.73 20.41 32.30
C GLY D 36 2.98 20.43 30.97
N ILE D 37 3.32 21.38 30.13
CA ILE D 37 2.79 21.49 28.76
C ILE D 37 3.88 21.18 27.76
N THR D 38 3.68 20.19 26.90
CA THR D 38 4.70 19.90 25.90
C THR D 38 4.14 20.33 24.53
N ILE D 39 5.00 20.82 23.65
CA ILE D 39 4.53 21.39 22.38
C ILE D 39 5.07 20.57 21.23
N VAL D 40 4.23 20.36 20.22
CA VAL D 40 4.63 19.63 19.03
C VAL D 40 4.27 20.47 17.79
N ALA D 41 4.98 20.25 16.68
CA ALA D 41 4.54 20.80 15.42
C ALA D 41 3.19 20.16 15.04
N GLY D 42 2.32 20.92 14.42
CA GLY D 42 1.13 20.35 13.85
C GLY D 42 0.36 21.40 13.09
N ASN D 43 -0.61 22.03 13.74
CA ASN D 43 -1.41 23.13 13.21
C ASN D 43 -0.57 24.13 12.43
N GLN D 44 0.55 24.52 13.04
CA GLN D 44 1.59 25.28 12.38
C GLN D 44 2.95 24.67 12.72
N THR D 45 4.03 25.23 12.17
CA THR D 45 5.36 24.74 12.51
C THR D 45 5.64 24.94 14.02
N LEU D 46 6.61 24.21 14.57
CA LEU D 46 6.87 24.26 16.02
C LEU D 46 7.24 25.67 16.55
N ASP D 47 8.01 26.44 15.77
CA ASP D 47 8.35 27.81 16.19
C ASP D 47 7.06 28.61 16.52
N LYS D 48 6.03 28.43 15.71
CA LYS D 48 4.78 29.13 15.88
C LYS D 48 3.88 28.56 16.98
N THR D 49 3.70 27.24 16.99
CA THR D 49 2.91 26.60 18.04
C THR D 49 3.51 26.84 19.45
N LEU D 50 4.85 26.91 19.52
CA LEU D 50 5.53 27.22 20.77
C LEU D 50 5.18 28.66 21.22
N ILE D 51 5.33 29.62 20.33
CA ILE D 51 4.98 31.03 20.65
C ILE D 51 3.49 31.11 21.03
N ASN D 52 2.65 30.39 20.29
CA ASN D 52 1.21 30.39 20.61
C ASN D 52 0.91 29.87 22.02
N GLY D 53 1.50 28.73 22.38
CA GLY D 53 1.37 28.15 23.70
C GLY D 53 1.87 29.09 24.80
N LEU D 54 3.06 29.68 24.60
CA LEU D 54 3.65 30.64 25.54
C LEU D 54 2.80 31.91 25.69
N ASN D 55 2.26 32.40 24.56
CA ASN D 55 1.36 33.54 24.58
C ASN D 55 0.12 33.29 25.46
N VAL D 56 -0.48 32.12 25.32
CA VAL D 56 -1.67 31.73 26.10
C VAL D 56 -1.33 31.67 27.61
N CYS D 57 -0.25 30.96 27.93
CA CYS D 57 0.19 30.85 29.33
C CYS D 57 0.52 32.21 29.94
N GLN D 58 1.17 33.09 29.18
CA GLN D 58 1.45 34.43 29.69
C GLN D 58 0.16 35.22 29.96
N LYS D 59 -0.75 35.20 28.99
CA LYS D 59 -1.97 36.00 29.12
C LYS D 59 -2.84 35.51 30.29
N LEU D 60 -2.85 34.20 30.51
CA LEU D 60 -3.67 33.58 31.55
C LEU D 60 -2.91 33.44 32.87
N GLU D 61 -1.64 33.88 32.87
CA GLU D 61 -0.75 33.78 34.03
C GLU D 61 -0.66 32.35 34.54
N ILE D 62 -0.53 31.42 33.61
CA ILE D 62 -0.38 30.01 33.92
C ILE D 62 1.11 29.77 34.11
N ASN D 63 1.52 29.37 35.32
CA ASN D 63 2.95 29.24 35.58
C ASN D 63 3.61 27.85 35.36
N VAL D 64 2.89 26.97 34.66
CA VAL D 64 3.32 25.63 34.33
C VAL D 64 4.47 25.65 33.30
N PRO D 65 5.53 24.85 33.52
CA PRO D 65 6.61 24.84 32.51
C PRO D 65 6.13 24.36 31.14
N VAL D 66 6.66 25.00 30.11
CA VAL D 66 6.36 24.65 28.72
C VAL D 66 7.63 24.10 28.01
N TYR D 67 7.50 22.94 27.40
CA TYR D 67 8.65 22.25 26.76
C TYR D 67 8.41 22.12 25.26
N ALA D 68 9.36 22.58 24.45
CA ALA D 68 9.30 22.42 22.98
C ALA D 68 9.75 21.01 22.63
N GLY D 69 9.02 20.35 21.75
CA GLY D 69 9.32 18.99 21.36
C GLY D 69 9.67 18.84 19.89
N MET D 70 9.03 17.88 19.23
CA MET D 70 9.34 17.51 17.84
C MET D 70 8.92 18.60 16.85
N PRO D 71 9.86 19.10 16.02
CA PRO D 71 9.49 20.08 14.98
C PRO D 71 8.99 19.42 13.71
N GLN D 72 9.11 18.09 13.63
CA GLN D 72 8.75 17.34 12.44
C GLN D 72 8.13 16.01 12.84
N PRO D 73 7.30 15.42 11.95
CA PRO D 73 6.78 14.07 12.24
C PRO D 73 7.87 13.01 12.18
N ILE D 74 7.59 11.78 12.64
CA ILE D 74 8.69 10.83 12.72
C ILE D 74 9.19 10.31 11.37
N MET D 75 8.33 10.34 10.35
CA MET D 75 8.72 9.83 9.04
C MET D 75 8.25 10.64 7.83
N ARG D 76 6.99 11.04 7.81
CA ARG D 76 6.39 11.61 6.61
C ARG D 76 6.87 13.06 6.32
N GLN D 77 6.58 13.52 5.12
CA GLN D 77 6.83 14.92 4.81
C GLN D 77 5.83 15.75 5.62
N GLN D 78 6.32 16.80 6.26
CA GLN D 78 5.48 17.61 7.19
C GLN D 78 4.30 18.29 6.48
N ILE D 79 3.13 18.26 7.12
CA ILE D 79 2.01 19.09 6.65
C ILE D 79 1.62 20.04 7.77
N VAL D 80 0.96 21.14 7.44
CA VAL D 80 0.40 22.02 8.46
C VAL D 80 -1.10 22.17 8.16
N ALA D 81 -1.82 22.75 9.11
CA ALA D 81 -3.21 23.07 8.91
C ALA D 81 -3.30 24.58 8.76
N ASP D 82 -2.79 25.14 7.66
CA ASP D 82 -2.95 26.61 7.49
C ASP D 82 -4.33 26.92 6.90
N ASN D 83 -5.13 25.86 6.78
CA ASN D 83 -6.52 25.91 6.39
C ASN D 83 -7.41 26.66 7.40
N ILE D 84 -7.37 26.24 8.67
CA ILE D 84 -8.34 26.68 9.69
C ILE D 84 -7.74 27.64 10.75
N HIS D 85 -6.44 27.47 11.05
CA HIS D 85 -5.78 28.18 12.15
C HIS D 85 -5.05 29.49 11.76
N GLY D 86 -4.90 29.73 10.46
CA GLY D 86 -4.38 30.99 9.94
C GLY D 86 -2.86 31.16 10.01
N ASP D 87 -2.41 32.41 9.82
CA ASP D 87 -1.00 32.81 9.76
C ASP D 87 -0.13 32.30 10.92
N THR D 88 -0.36 32.85 12.12
CA THR D 88 0.30 32.38 13.36
C THR D 88 -0.14 30.93 13.70
N GLY D 89 -1.45 30.71 13.64
CA GLY D 89 -2.02 29.43 14.03
C GLY D 89 -2.84 29.64 15.27
N LEU D 90 -3.02 30.92 15.64
CA LEU D 90 -3.83 31.36 16.78
C LEU D 90 -4.28 32.82 16.62
N ASP D 91 -5.04 33.10 15.57
CA ASP D 91 -5.49 34.47 15.30
C ASP D 91 -6.75 34.83 16.10
N GLY D 92 -6.92 36.13 16.35
CA GLY D 92 -8.08 36.60 17.12
C GLY D 92 -7.65 37.43 18.31
N PRO D 93 -7.04 36.80 19.33
CA PRO D 93 -6.59 37.62 20.46
C PRO D 93 -5.33 38.42 20.11
N VAL D 94 -5.17 39.57 20.74
CA VAL D 94 -3.94 40.35 20.62
C VAL D 94 -3.16 40.14 21.92
N PHE D 95 -1.91 39.72 21.77
CA PHE D 95 -1.08 39.40 22.93
C PHE D 95 -0.04 40.51 23.15
N GLU D 96 0.24 40.80 24.41
CA GLU D 96 1.35 41.67 24.80
C GLU D 96 2.66 41.04 24.34
N PRO D 97 3.75 41.85 24.20
CA PRO D 97 5.02 41.23 23.85
C PRO D 97 5.36 40.07 24.79
N LEU D 98 5.82 38.97 24.21
CA LEU D 98 6.10 37.73 24.92
C LEU D 98 7.36 37.86 25.77
N THR D 99 7.21 37.65 27.07
CA THR D 99 8.36 37.62 27.95
C THR D 99 8.60 36.22 28.49
N ARG D 100 7.62 35.34 28.33
CA ARG D 100 7.85 34.05 28.92
C ARG D 100 8.47 33.08 27.92
N GLN D 101 9.27 32.12 28.40
CA GLN D 101 10.00 31.23 27.48
C GLN D 101 9.83 29.75 27.80
N ALA D 102 10.17 28.93 26.82
CA ALA D 102 10.21 27.48 26.96
C ALA D 102 11.34 27.07 27.89
N GLU D 103 11.20 25.91 28.53
CA GLU D 103 12.28 25.28 29.29
C GLU D 103 13.37 24.88 28.32
N SER D 104 14.60 24.72 28.82
CA SER D 104 15.68 24.27 27.97
C SER D 104 15.63 22.76 27.68
N THR D 105 14.84 22.00 28.44
CA THR D 105 14.73 20.53 28.27
C THR D 105 13.80 20.21 27.09
N HIS D 106 14.25 19.30 26.20
CA HIS D 106 13.40 18.82 25.12
C HIS D 106 12.14 18.14 25.70
N ALA D 107 11.00 18.36 25.06
CA ALA D 107 9.72 17.77 25.53
C ALA D 107 9.80 16.24 25.64
N VAL D 108 10.50 15.59 24.68
CA VAL D 108 10.60 14.13 24.70
C VAL D 108 11.35 13.66 25.95
N LYS D 109 12.45 14.33 26.31
CA LYS D 109 13.20 14.02 27.53
C LYS D 109 12.37 14.30 28.79
N TYR D 110 11.65 15.42 28.79
CA TYR D 110 10.79 15.75 29.90
C TYR D 110 9.74 14.63 30.14
N ILE D 111 9.10 14.18 29.06
CA ILE D 111 8.07 13.14 29.15
C ILE D 111 8.67 11.83 29.71
N ILE D 112 9.79 11.39 29.14
CA ILE D 112 10.49 10.20 29.65
C ILE D 112 10.89 10.31 31.13
N ASP D 113 11.63 11.37 31.47
CA ASP D 113 12.08 11.54 32.86
C ASP D 113 10.92 11.59 33.86
N THR D 114 9.86 12.31 33.50
CA THR D 114 8.74 12.52 34.42
C THR D 114 8.01 11.18 34.63
N LEU D 115 7.77 10.45 33.55
CA LEU D 115 7.12 9.12 33.67
C LEU D 115 7.97 8.10 34.42
N MET D 116 9.27 8.06 34.11
CA MET D 116 10.18 7.14 34.77
C MET D 116 10.30 7.36 36.27
N ALA D 117 10.25 8.63 36.69
CA ALA D 117 10.36 9.01 38.11
C ALA D 117 9.04 8.84 38.87
N SER D 118 7.93 8.65 38.16
CA SER D 118 6.60 8.64 38.77
C SER D 118 6.21 7.28 39.33
N ASP D 119 5.05 7.24 39.99
CA ASP D 119 4.51 5.98 40.48
C ASP D 119 3.41 5.43 39.62
N GLY D 120 3.38 5.85 38.36
CA GLY D 120 2.46 5.30 37.36
C GLY D 120 1.08 5.93 37.32
N ASP D 121 0.93 7.10 37.95
CA ASP D 121 -0.37 7.74 38.09
C ASP D 121 -0.62 8.89 37.10
N ILE D 122 0.35 9.13 36.19
CA ILE D 122 0.28 10.24 35.23
C ILE D 122 -0.42 9.81 33.92
N THR D 123 -1.30 10.68 33.45
CA THR D 123 -2.00 10.52 32.19
C THR D 123 -1.42 11.47 31.14
N LEU D 124 -1.14 10.96 29.94
CA LEU D 124 -0.76 11.80 28.82
C LEU D 124 -2.01 12.26 28.09
N VAL D 125 -2.05 13.56 27.77
CA VAL D 125 -3.18 14.16 27.02
C VAL D 125 -2.68 14.78 25.72
N PRO D 126 -2.49 13.96 24.68
CA PRO D 126 -2.08 14.51 23.40
C PRO D 126 -3.24 15.06 22.56
N VAL D 127 -3.11 16.32 22.14
CA VAL D 127 -4.15 16.96 21.37
C VAL D 127 -3.62 17.57 20.07
N GLY D 128 -2.41 17.14 19.70
CA GLY D 128 -1.86 17.40 18.39
C GLY D 128 -1.41 16.11 17.73
N PRO D 129 -0.60 16.21 16.65
CA PRO D 129 0.01 14.98 16.11
C PRO D 129 0.75 14.25 17.26
N LEU D 130 0.91 12.93 17.14
CA LEU D 130 1.45 12.09 18.22
C LEU D 130 2.98 11.91 18.21
N SER D 131 3.66 12.78 17.49
CA SER D 131 5.12 12.76 17.30
C SER D 131 5.93 12.67 18.61
N ASN D 132 5.64 13.57 19.58
CA ASN D 132 6.37 13.52 20.88
C ASN D 132 6.15 12.20 21.60
N ILE D 133 4.92 11.72 21.54
CA ILE D 133 4.52 10.52 22.29
C ILE D 133 5.24 9.30 21.74
N ALA D 134 5.22 9.13 20.40
CA ALA D 134 5.84 7.98 19.75
C ALA D 134 7.34 7.98 19.95
N VAL D 135 7.97 9.15 19.85
CA VAL D 135 9.43 9.20 20.08
C VAL D 135 9.75 8.80 21.52
N ALA D 136 9.02 9.37 22.48
CA ALA D 136 9.23 8.99 23.89
C ALA D 136 9.09 7.48 24.09
N MET D 137 8.05 6.90 23.49
CA MET D 137 7.75 5.46 23.66
C MET D 137 8.85 4.53 23.12
N ARG D 138 9.43 4.91 21.99
CA ARG D 138 10.42 4.07 21.30
C ARG D 138 11.82 4.34 21.83
N MET D 139 12.05 5.58 22.30
CA MET D 139 13.31 5.92 22.92
C MET D 139 13.47 5.28 24.30
N GLN D 140 12.37 5.22 25.07
CA GLN D 140 12.40 4.55 26.38
C GLN D 140 11.12 3.73 26.62
N PRO D 141 11.08 2.51 26.09
CA PRO D 141 9.91 1.64 26.27
C PRO D 141 9.52 1.34 27.74
N ALA D 142 10.43 1.51 28.70
CA ALA D 142 10.06 1.36 30.12
C ALA D 142 9.01 2.40 30.59
N ILE D 143 8.73 3.44 29.79
CA ILE D 143 7.65 4.37 30.16
C ILE D 143 6.25 3.75 30.00
N LEU D 144 6.15 2.70 29.17
CA LEU D 144 4.83 2.15 28.84
C LEU D 144 3.98 1.74 30.05
N PRO D 145 4.50 0.90 30.97
CA PRO D 145 3.69 0.61 32.17
C PRO D 145 3.54 1.77 33.17
N LYS D 146 4.32 2.84 32.99
CA LYS D 146 4.23 4.02 33.85
C LYS D 146 3.08 4.95 33.45
N ILE D 147 2.61 4.82 32.21
CA ILE D 147 1.53 5.64 31.70
C ILE D 147 0.20 5.06 32.18
N ARG D 148 -0.52 5.85 32.98
CA ARG D 148 -1.82 5.42 33.45
C ARG D 148 -2.81 5.23 32.30
N GLU D 149 -2.86 6.21 31.41
CA GLU D 149 -3.84 6.23 30.33
C GLU D 149 -3.37 7.28 29.36
N ILE D 150 -3.81 7.21 28.11
CA ILE D 150 -3.61 8.27 27.15
C ILE D 150 -4.99 8.71 26.66
N VAL D 151 -5.32 9.98 26.89
CA VAL D 151 -6.59 10.57 26.41
C VAL D 151 -6.24 11.54 25.30
N LEU D 152 -6.45 11.12 24.05
CA LEU D 152 -6.02 11.87 22.90
C LEU D 152 -7.20 12.45 22.10
N MET D 153 -7.01 13.67 21.61
CA MET D 153 -7.88 14.17 20.55
C MET D 153 -7.21 13.78 19.22
N GLY D 154 -7.95 13.02 18.42
CA GLY D 154 -7.49 12.59 17.11
C GLY D 154 -8.32 11.44 16.58
N GLY D 155 -8.24 11.21 15.27
CA GLY D 155 -8.93 10.05 14.68
C GLY D 155 -10.37 10.36 14.34
N ALA D 156 -11.03 9.37 13.72
CA ALA D 156 -12.46 9.40 13.44
C ALA D 156 -12.85 7.99 13.03
N TYR D 157 -13.91 7.45 13.61
CA TYR D 157 -14.40 6.18 13.11
C TYR D 157 -15.21 6.33 11.82
N GLY D 158 -15.81 7.50 11.63
CA GLY D 158 -16.50 7.77 10.37
C GLY D 158 -15.65 8.60 9.43
N THR D 159 -16.10 9.81 9.14
CA THR D 159 -15.46 10.65 8.11
C THR D 159 -14.37 11.51 8.77
N GLY D 160 -13.21 11.59 8.12
CA GLY D 160 -12.13 12.47 8.61
C GLY D 160 -12.40 13.94 8.30
N ASN D 161 -11.39 14.78 8.48
CA ASN D 161 -11.49 16.20 8.09
C ASN D 161 -10.49 16.55 7.01
N PHE D 162 -9.22 16.31 7.28
CA PHE D 162 -8.18 16.67 6.31
C PHE D 162 -8.27 15.85 5.00
N THR D 163 -8.63 14.56 5.13
CA THR D 163 -9.08 13.75 3.97
C THR D 163 -10.42 13.11 4.36
N PRO D 164 -11.13 12.48 3.41
CA PRO D 164 -12.33 11.70 3.80
C PRO D 164 -12.02 10.65 4.86
N SER D 165 -10.79 10.15 4.88
CA SER D 165 -10.44 8.98 5.67
C SER D 165 -9.78 9.35 6.98
N ALA D 166 -9.13 10.50 7.02
CA ALA D 166 -8.23 10.84 8.13
C ALA D 166 -8.52 12.16 8.81
N GLU D 167 -8.36 12.14 10.13
CA GLU D 167 -8.40 13.34 10.94
C GLU D 167 -6.98 13.94 10.99
N PHE D 168 -6.88 15.28 11.10
CA PHE D 168 -5.59 15.99 11.00
C PHE D 168 -4.44 15.48 11.89
N ASN D 169 -4.67 15.40 13.20
CA ASN D 169 -3.62 14.91 14.12
C ASN D 169 -2.99 13.60 13.70
N ILE D 170 -3.82 12.64 13.25
CA ILE D 170 -3.31 11.35 12.85
C ILE D 170 -2.64 11.47 11.50
N PHE D 171 -3.29 12.13 10.55
CA PHE D 171 -2.77 12.32 9.21
C PHE D 171 -1.40 13.03 9.22
N ALA D 172 -1.22 13.97 10.15
CA ALA D 172 0.03 14.73 10.26
C ALA D 172 1.24 13.85 10.70
N ASP D 173 0.96 12.72 11.35
CA ASP D 173 2.02 11.75 11.69
C ASP D 173 1.44 10.34 11.86
N PRO D 174 1.12 9.68 10.73
CA PRO D 174 0.47 8.36 10.84
C PRO D 174 1.34 7.29 11.49
N GLU D 175 2.64 7.35 11.27
CA GLU D 175 3.56 6.37 11.82
C GLU D 175 3.68 6.55 13.34
N ALA D 176 3.72 7.80 13.81
CA ALA D 176 3.66 8.09 15.24
C ALA D 176 2.36 7.52 15.86
N ALA D 177 1.23 7.75 15.17
CA ALA D 177 -0.06 7.23 15.63
C ALA D 177 -0.06 5.70 15.68
N ARG D 178 0.54 5.03 14.69
CA ARG D 178 0.70 3.56 14.72
C ARG D 178 1.44 3.07 16.00
N VAL D 179 2.51 3.74 16.35
CA VAL D 179 3.23 3.47 17.59
C VAL D 179 2.31 3.56 18.81
N VAL D 180 1.60 4.67 18.94
CA VAL D 180 0.71 4.87 20.08
C VAL D 180 -0.38 3.79 20.12
N PHE D 181 -0.98 3.48 18.97
CA PHE D 181 -2.12 2.58 18.92
C PHE D 181 -1.73 1.10 19.03
N THR D 182 -0.43 0.83 19.01
CA THR D 182 0.13 -0.50 19.21
C THR D 182 0.94 -0.58 20.54
N SER D 183 0.88 0.47 21.36
CA SER D 183 1.67 0.53 22.62
C SER D 183 1.17 -0.43 23.71
N GLY D 184 -0.12 -0.73 23.71
CA GLY D 184 -0.72 -1.57 24.77
C GLY D 184 -1.11 -0.74 26.00
N VAL D 185 -0.85 0.56 25.95
CA VAL D 185 -1.26 1.47 27.03
C VAL D 185 -2.77 1.75 26.87
N PRO D 186 -3.53 1.83 27.99
CA PRO D 186 -4.95 2.16 27.84
C PRO D 186 -5.14 3.49 27.10
N LEU D 187 -5.94 3.47 26.03
CA LEU D 187 -6.20 4.65 25.20
C LEU D 187 -7.64 5.10 25.31
N VAL D 188 -7.83 6.41 25.25
CA VAL D 188 -9.15 7.00 25.08
C VAL D 188 -9.03 7.91 23.89
N MET D 189 -9.93 7.75 22.92
CA MET D 189 -9.86 8.54 21.69
C MET D 189 -11.07 9.42 21.53
N MET D 190 -10.83 10.72 21.61
CA MET D 190 -11.85 11.71 21.29
C MET D 190 -11.70 12.03 19.81
N GLY D 191 -12.38 11.26 18.97
CA GLY D 191 -12.28 11.43 17.53
C GLY D 191 -13.28 12.47 17.04
N LEU D 192 -13.28 12.75 15.74
CA LEU D 192 -14.14 13.78 15.18
C LEU D 192 -15.62 13.47 15.38
N ASP D 193 -15.96 12.19 15.42
CA ASP D 193 -17.36 11.75 15.58
C ASP D 193 -17.94 12.36 16.85
N LEU D 194 -17.11 12.37 17.91
CA LEU D 194 -17.49 12.98 19.18
C LEU D 194 -17.32 14.52 19.18
N THR D 195 -16.12 14.98 18.79
CA THR D 195 -15.77 16.41 18.92
C THR D 195 -16.58 17.31 17.99
N ASN D 196 -16.99 16.80 16.81
CA ASN D 196 -17.85 17.59 15.94
C ASN D 196 -19.19 17.96 16.60
N GLN D 197 -19.56 17.26 17.67
CA GLN D 197 -20.79 17.54 18.41
C GLN D 197 -20.66 18.76 19.32
N THR D 198 -19.44 19.18 19.62
CA THR D 198 -19.21 20.29 20.58
C THR D 198 -19.11 21.62 19.85
N VAL D 199 -20.13 21.90 19.04
CA VAL D 199 -20.19 23.13 18.27
C VAL D 199 -20.44 24.34 19.18
N CYS D 200 -19.57 25.33 19.02
CA CYS D 200 -19.63 26.58 19.77
C CYS D 200 -20.50 27.59 19.03
N THR D 201 -21.68 27.86 19.56
CA THR D 201 -22.60 28.79 18.94
C THR D 201 -22.35 30.24 19.44
N PRO D 202 -22.84 31.25 18.69
CA PRO D 202 -22.78 32.63 19.19
C PRO D 202 -23.15 32.80 20.68
N ASP D 203 -24.11 32.02 21.18
CA ASP D 203 -24.54 32.14 22.58
C ASP D 203 -23.60 31.47 23.60
N VAL D 204 -22.92 30.39 23.19
CA VAL D 204 -21.85 29.80 24.00
C VAL D 204 -20.72 30.83 24.15
N ILE D 205 -20.39 31.54 23.06
CA ILE D 205 -19.39 32.61 23.11
C ILE D 205 -19.86 33.75 24.02
N ALA D 206 -21.13 34.13 23.90
CA ALA D 206 -21.72 35.20 24.73
C ALA D 206 -21.70 34.83 26.23
N ARG D 207 -22.00 33.56 26.52
CA ARG D 207 -21.92 33.01 27.87
C ARG D 207 -20.52 33.15 28.48
N MET D 208 -19.49 32.86 27.70
CA MET D 208 -18.10 33.01 28.17
C MET D 208 -17.63 34.46 28.28
N GLU D 209 -18.01 35.32 27.31
CA GLU D 209 -17.72 36.75 27.40
C GLU D 209 -18.34 37.36 28.64
N ARG D 210 -19.60 37.00 28.91
CA ARG D 210 -20.36 37.57 30.02
C ARG D 210 -19.76 37.16 31.37
N ALA D 211 -19.25 35.95 31.48
CA ALA D 211 -18.50 35.49 32.66
C ALA D 211 -17.24 36.32 32.81
N GLY D 212 -16.52 36.49 31.70
CA GLY D 212 -15.46 37.47 31.63
C GLY D 212 -14.14 37.03 32.19
N GLY D 213 -13.38 38.04 32.62
CA GLY D 213 -12.00 37.86 33.07
C GLY D 213 -11.12 37.48 31.90
N PRO D 214 -9.82 37.24 32.17
CA PRO D 214 -8.84 36.90 31.14
C PRO D 214 -9.26 35.71 30.29
N ALA D 215 -9.76 34.66 30.92
CA ALA D 215 -10.13 33.45 30.18
C ALA D 215 -11.41 33.60 29.32
N GLY D 216 -12.38 34.37 29.80
CA GLY D 216 -13.59 34.68 29.06
C GLY D 216 -13.28 35.51 27.83
N GLU D 217 -12.43 36.54 28.00
CA GLU D 217 -11.95 37.33 26.88
C GLU D 217 -11.20 36.48 25.87
N LEU D 218 -10.30 35.62 26.36
CA LEU D 218 -9.53 34.74 25.48
C LEU D 218 -10.41 33.81 24.67
N PHE D 219 -11.35 33.14 25.34
CA PHE D 219 -12.29 32.22 24.68
C PHE D 219 -13.05 32.98 23.58
N SER D 220 -13.53 34.16 23.94
CA SER D 220 -14.29 35.01 23.04
C SER D 220 -13.52 35.44 21.80
N ASP D 221 -12.34 36.01 21.96
CA ASP D 221 -11.50 36.43 20.84
C ASP D 221 -11.18 35.26 19.91
N ILE D 222 -10.79 34.12 20.51
CA ILE D 222 -10.51 32.89 19.77
C ILE D 222 -11.72 32.39 18.97
N MET D 223 -12.84 32.14 19.64
CA MET D 223 -14.00 31.52 19.00
C MET D 223 -14.77 32.45 18.05
N ASN D 224 -14.76 33.75 18.32
CA ASN D 224 -15.35 34.74 17.41
C ASN D 224 -14.60 34.80 16.09
N PHE D 225 -13.29 34.58 16.14
CA PHE D 225 -12.48 34.45 14.93
C PHE D 225 -12.82 33.18 14.15
N THR D 226 -12.76 32.01 14.80
CA THR D 226 -13.02 30.74 14.12
C THR D 226 -14.45 30.65 13.55
N LEU D 227 -15.44 31.22 14.24
CA LEU D 227 -16.82 31.26 13.73
C LEU D 227 -16.98 32.18 12.52
N LYS D 228 -16.05 33.13 12.38
CA LYS D 228 -16.01 34.01 11.21
C LYS D 228 -15.56 33.22 9.98
N THR D 229 -14.60 32.29 10.17
CA THR D 229 -14.16 31.40 9.09
C THR D 229 -15.23 30.36 8.70
N GLN D 230 -16.16 30.07 9.61
CA GLN D 230 -17.26 29.11 9.36
C GLN D 230 -18.41 29.74 8.55
N PHE D 231 -18.72 31.00 8.86
CA PHE D 231 -19.64 31.82 8.05
C PHE D 231 -19.12 31.93 6.60
N GLU D 232 -17.82 32.15 6.46
CA GLU D 232 -17.13 32.21 5.16
C GLU D 232 -16.80 30.82 4.60
N GLY D 239 -18.91 26.36 15.05
CA GLY D 239 -17.66 25.61 15.03
C GLY D 239 -17.38 24.77 16.29
N PRO D 240 -16.90 23.51 16.12
CA PRO D 240 -16.49 22.57 17.20
C PRO D 240 -15.30 23.05 18.01
N VAL D 241 -15.27 22.71 19.30
CA VAL D 241 -14.05 22.75 20.09
C VAL D 241 -13.71 21.28 20.24
N HIS D 242 -12.47 20.92 19.94
CA HIS D 242 -12.11 19.51 19.88
C HIS D 242 -11.25 19.13 21.08
N ASP D 243 -10.09 19.76 21.19
CA ASP D 243 -9.09 19.36 22.19
C ASP D 243 -9.58 19.43 23.63
N ALA D 244 -10.41 20.41 23.93
CA ALA D 244 -10.91 20.61 25.28
C ALA D 244 -11.78 19.44 25.80
N THR D 245 -12.35 18.64 24.90
CA THR D 245 -13.11 17.41 25.32
C THR D 245 -12.25 16.39 26.07
N CYS D 246 -10.96 16.32 25.77
CA CYS D 246 -10.05 15.46 26.52
C CYS D 246 -9.95 15.89 27.99
N ILE D 247 -9.91 17.20 28.21
CA ILE D 247 -9.92 17.73 29.58
C ILE D 247 -11.26 17.50 30.27
N GLY D 248 -12.36 17.75 29.55
CA GLY D 248 -13.71 17.42 30.05
C GLY D 248 -13.81 15.97 30.49
N TYR D 249 -13.29 15.06 29.66
CA TYR D 249 -13.32 13.61 29.94
C TYR D 249 -12.61 13.25 31.26
N LEU D 250 -11.46 13.86 31.49
CA LEU D 250 -10.71 13.62 32.73
C LEU D 250 -11.37 14.25 33.96
N ILE D 251 -12.09 15.34 33.78
CA ILE D 251 -12.83 15.95 34.88
C ILE D 251 -14.04 15.08 35.30
N ASN D 252 -14.82 14.65 34.32
CA ASN D 252 -15.93 13.74 34.58
C ASN D 252 -16.22 12.90 33.35
N PRO D 253 -15.72 11.64 33.34
CA PRO D 253 -15.91 10.74 32.21
C PRO D 253 -17.39 10.41 31.94
N ASP D 254 -18.26 10.60 32.94
CA ASP D 254 -19.70 10.35 32.75
C ASP D 254 -20.34 11.28 31.73
N GLY D 255 -19.70 12.41 31.44
CA GLY D 255 -20.24 13.37 30.48
C GLY D 255 -20.07 12.93 29.03
N ILE D 256 -19.27 11.89 28.83
CA ILE D 256 -18.89 11.41 27.50
C ILE D 256 -19.13 9.89 27.44
N LYS D 257 -19.96 9.45 26.51
CA LYS D 257 -20.15 8.02 26.29
C LYS D 257 -19.06 7.52 25.34
N THR D 258 -18.34 6.47 25.76
CA THR D 258 -17.33 5.83 24.92
C THR D 258 -17.77 4.41 24.61
N GLN D 259 -17.13 3.79 23.61
CA GLN D 259 -17.36 2.39 23.31
C GLN D 259 -15.98 1.78 23.09
N GLU D 260 -15.72 0.66 23.73
CA GLU D 260 -14.46 -0.07 23.57
C GLU D 260 -14.37 -0.72 22.19
N MET D 261 -13.27 -0.44 21.47
CA MET D 261 -13.10 -0.96 20.12
C MET D 261 -11.65 -1.33 19.90
N TYR D 262 -11.41 -2.30 19.02
CA TYR D 262 -10.08 -2.53 18.49
C TYR D 262 -9.86 -1.51 17.35
N VAL D 263 -8.85 -0.68 17.50
CA VAL D 263 -8.53 0.39 16.56
C VAL D 263 -7.15 0.09 15.99
N GLU D 264 -7.05 0.20 14.67
CA GLU D 264 -5.77 0.06 13.95
C GLU D 264 -5.52 1.31 13.10
N VAL D 265 -4.29 1.81 13.08
CA VAL D 265 -3.97 2.97 12.27
C VAL D 265 -3.47 2.48 10.91
N ASP D 266 -4.08 2.98 9.83
CA ASP D 266 -3.63 2.61 8.48
C ASP D 266 -2.45 3.53 8.09
N VAL D 267 -1.28 2.92 7.88
CA VAL D 267 -0.11 3.67 7.38
C VAL D 267 0.18 3.44 5.88
N ASN D 268 -0.73 2.81 5.16
CA ASN D 268 -0.61 2.63 3.71
C ASN D 268 -0.76 4.00 3.04
N SER D 269 0.23 4.36 2.21
CA SER D 269 0.09 5.48 1.28
C SER D 269 -1.13 5.16 0.40
N GLY D 270 -1.94 6.18 0.10
CA GLY D 270 -3.18 5.93 -0.64
C GLY D 270 -4.36 6.60 0.07
N PRO D 271 -5.60 6.23 -0.33
CA PRO D 271 -6.79 6.97 0.11
C PRO D 271 -7.18 6.90 1.58
N CYS D 272 -6.54 6.02 2.36
CA CYS D 272 -6.81 5.88 3.80
C CYS D 272 -5.59 6.06 4.67
N TYR D 273 -4.53 6.67 4.11
CA TYR D 273 -3.33 6.99 4.88
C TYR D 273 -3.73 7.80 6.12
N GLY D 274 -3.34 7.36 7.31
CA GLY D 274 -3.67 8.09 8.55
C GLY D 274 -5.09 7.87 9.08
N ARG D 275 -5.81 6.91 8.52
CA ARG D 275 -7.13 6.50 9.04
C ARG D 275 -7.02 5.66 10.34
N THR D 276 -7.87 5.99 11.31
CA THR D 276 -8.10 5.13 12.44
C THR D 276 -9.24 4.23 12.05
N VAL D 277 -8.90 2.96 11.82
CA VAL D 277 -9.86 1.91 11.47
C VAL D 277 -10.38 1.33 12.76
N CYS D 278 -11.65 1.62 13.04
CA CYS D 278 -12.26 1.31 14.33
C CYS D 278 -13.29 0.17 14.18
N ASP D 279 -13.02 -0.96 14.83
CA ASP D 279 -13.88 -2.14 14.71
C ASP D 279 -15.09 -1.97 15.65
N GLU D 280 -16.02 -1.15 15.18
CA GLU D 280 -17.22 -0.79 15.89
C GLU D 280 -18.10 -1.99 16.23
N LEU D 281 -18.13 -2.98 15.33
CA LEU D 281 -19.00 -4.17 15.52
C LEU D 281 -18.29 -5.40 16.02
N GLY D 282 -16.99 -5.28 16.24
CA GLY D 282 -16.15 -6.38 16.75
C GLY D 282 -15.97 -7.54 15.79
N VAL D 283 -16.03 -7.27 14.48
CA VAL D 283 -15.97 -8.35 13.48
C VAL D 283 -14.62 -9.00 13.34
N LEU D 284 -13.56 -8.31 13.72
CA LEU D 284 -12.23 -8.88 13.64
C LEU D 284 -11.91 -9.86 14.79
N GLY D 285 -12.74 -9.89 15.84
CA GLY D 285 -12.51 -10.76 17.00
C GLY D 285 -11.21 -10.48 17.77
N LYS D 286 -10.76 -9.22 17.74
CA LYS D 286 -9.56 -8.82 18.45
C LYS D 286 -9.93 -8.03 19.71
N PRO D 287 -9.15 -8.17 20.81
CA PRO D 287 -9.45 -7.40 22.03
C PRO D 287 -9.43 -5.89 21.76
N ALA D 288 -10.40 -5.18 22.34
CA ALA D 288 -10.42 -3.71 22.29
C ALA D 288 -9.14 -3.09 22.83
N ASN D 289 -8.69 -1.98 22.24
CA ASN D 289 -7.49 -1.31 22.73
C ASN D 289 -7.75 0.16 23.03
N THR D 290 -8.99 0.62 22.77
CA THR D 290 -9.32 2.05 22.81
C THR D 290 -10.75 2.22 23.30
N LYS D 291 -10.97 3.19 24.19
CA LYS D 291 -12.32 3.66 24.48
C LYS D 291 -12.57 4.81 23.50
N VAL D 292 -13.41 4.58 22.52
CA VAL D 292 -13.70 5.56 21.48
C VAL D 292 -14.92 6.41 21.87
N GLY D 293 -14.75 7.74 21.77
CA GLY D 293 -15.80 8.69 22.03
C GLY D 293 -16.95 8.57 21.05
N ILE D 294 -18.16 8.51 21.61
CA ILE D 294 -19.39 8.36 20.82
C ILE D 294 -20.25 9.61 20.90
N THR D 295 -20.58 10.02 22.13
CA THR D 295 -21.48 11.16 22.33
C THR D 295 -21.03 11.94 23.55
N ILE D 296 -21.35 13.23 23.54
CA ILE D 296 -21.00 14.12 24.62
C ILE D 296 -22.25 14.89 25.04
N ASP D 297 -22.43 15.03 26.36
CA ASP D 297 -23.48 15.89 26.92
C ASP D 297 -22.94 17.32 26.81
N THR D 298 -23.44 18.09 25.85
CA THR D 298 -22.92 19.45 25.63
C THR D 298 -23.31 20.46 26.71
N ASP D 299 -24.47 20.29 27.34
CA ASP D 299 -24.84 21.10 28.50
C ASP D 299 -23.84 20.94 29.63
N TRP D 300 -23.50 19.69 29.94
CA TRP D 300 -22.45 19.39 30.89
C TRP D 300 -21.14 20.06 30.46
N PHE D 301 -20.76 19.89 29.19
CA PHE D 301 -19.47 20.37 28.71
C PHE D 301 -19.31 21.89 28.80
N TRP D 302 -20.31 22.65 28.36
CA TRP D 302 -20.24 24.11 28.42
C TRP D 302 -20.26 24.63 29.85
N GLY D 303 -20.99 23.95 30.74
CA GLY D 303 -20.96 24.22 32.18
C GLY D 303 -19.53 24.14 32.72
N LEU D 304 -18.83 23.07 32.36
CA LEU D 304 -17.40 22.91 32.72
C LEU D 304 -16.51 24.01 32.16
N VAL D 305 -16.68 24.31 30.89
CA VAL D 305 -15.94 25.41 30.29
C VAL D 305 -16.13 26.72 31.07
N GLU D 306 -17.38 27.02 31.47
CA GLU D 306 -17.67 28.24 32.24
C GLU D 306 -17.01 28.21 33.63
N GLU D 307 -17.03 27.04 34.27
CA GLU D 307 -16.41 26.77 35.56
C GLU D 307 -14.92 27.08 35.46
N CYS D 308 -14.30 26.66 34.37
CA CYS D 308 -12.87 26.89 34.17
C CYS D 308 -12.57 28.36 33.90
N VAL D 309 -13.38 28.99 33.05
CA VAL D 309 -13.26 30.41 32.75
C VAL D 309 -13.30 31.29 34.03
N ARG D 310 -14.25 30.99 34.92
CA ARG D 310 -14.41 31.73 36.18
C ARG D 310 -13.23 31.58 37.14
N GLY D 311 -12.50 30.47 37.04
CA GLY D 311 -11.28 30.28 37.82
C GLY D 311 -10.21 31.35 37.61
N TYR D 312 -10.25 32.01 36.44
CA TYR D 312 -9.27 33.06 36.09
C TYR D 312 -9.72 34.47 36.50
N ILE D 313 -10.97 34.59 36.93
CA ILE D 313 -11.44 35.90 37.35
C ILE D 313 -10.60 36.46 38.50
N LYS D 314 -9.83 37.51 38.17
CA LYS D 314 -8.92 38.18 39.11
C LYS D 314 -9.41 39.58 39.48
#